data_2EQ6
#
_entry.id   2EQ6
#
_cell.length_a   61.323
_cell.length_b   62.683
_cell.length_c   73.562
_cell.angle_alpha   93.26
_cell.angle_beta   107.39
_cell.angle_gamma   108.71
#
_symmetry.space_group_name_H-M   'P 1'
#
loop_
_entity.id
_entity.type
_entity.pdbx_description
1 polymer 'Pyruvate dehydrogenase complex, dihydrolipoamide dehydrogenase E3 component'
2 non-polymer 'FLAVIN-ADENINE DINUCLEOTIDE'
3 water water
#
_entity_poly.entity_id   1
_entity_poly.type   'polypeptide(L)'
_entity_poly.pdbx_seq_one_letter_code
;MTPMKTYDLIVIGTGPGGYHAAIRAAQLGLKVLAVEAGEVGGVCLNVGCIPTKALLHAAETLHHLKVAEGFGLKAKPELD
LKKLGGWRDQVVKKLTGGVGTLLKGNGVELLRGFARLVGPKEVEVGGERYGAKSLILATGSEPLELKGFPFGEDVWDSTR
ALKVEEGLPKRLLVIGGGAVGLELGQVYRRLGAEVTLIEYMPEILPQGDPETAALLRRALEKEGIRVRTKTKAVGYEKKK
DGLHVRLEPAEGGEGEEVVVDKVLVAVGRKPRTEGLGLEKAGVKVDERGFIRVNARMETSVPGVYAIGDAARPPLLAHKA
MREGLIAAENAAGKDSAFDYQVPSVVYTSPEWAGVGLTEEEAKRAGYKVKVGKFPLAASGRALTLGGAEGMVKVVGDEET
DLLLGVFIVGPQAGELIAEAALALEMGATLTDLALTVHPHPTLSESLMEAAEAFHKQAIHILNR
;
_entity_poly.pdbx_strand_id   A,B
#
loop_
_chem_comp.id
_chem_comp.type
_chem_comp.name
_chem_comp.formula
FAD non-polymer 'FLAVIN-ADENINE DINUCLEOTIDE' 'C27 H33 N9 O15 P2'
#
# COMPACT_ATOMS: atom_id res chain seq x y z
N MET A 4 -41.37 -14.81 26.31
CA MET A 4 -40.02 -14.26 26.00
C MET A 4 -39.24 -15.19 25.07
N LYS A 5 -38.70 -14.62 24.00
CA LYS A 5 -37.91 -15.38 23.04
C LYS A 5 -36.48 -15.48 23.57
N THR A 6 -35.90 -16.68 23.52
CA THR A 6 -34.56 -16.90 24.02
C THR A 6 -33.54 -17.29 22.95
N TYR A 7 -32.30 -16.88 23.17
CA TYR A 7 -31.21 -17.16 22.24
C TYR A 7 -29.94 -17.47 23.04
N ASP A 8 -28.90 -17.90 22.36
CA ASP A 8 -27.63 -18.18 23.02
C ASP A 8 -26.95 -16.83 23.24
N LEU A 9 -27.14 -15.93 22.28
CA LEU A 9 -26.54 -14.61 22.35
C LEU A 9 -27.38 -13.52 21.71
N ILE A 10 -27.40 -12.36 22.35
CA ILE A 10 -28.09 -11.21 21.82
C ILE A 10 -27.04 -10.14 21.64
N VAL A 11 -26.93 -9.60 20.43
CA VAL A 11 -25.98 -8.54 20.13
C VAL A 11 -26.77 -7.28 19.86
N ILE A 12 -26.46 -6.21 20.59
CA ILE A 12 -27.16 -4.95 20.38
C ILE A 12 -26.26 -4.05 19.55
N GLY A 13 -26.67 -3.82 18.31
CA GLY A 13 -25.91 -2.98 17.39
C GLY A 13 -25.28 -3.82 16.29
N THR A 14 -25.36 -3.35 15.05
CA THR A 14 -24.77 -4.08 13.93
C THR A 14 -23.71 -3.27 13.20
N GLY A 15 -22.97 -2.47 13.96
CA GLY A 15 -21.89 -1.72 13.37
C GLY A 15 -20.72 -2.68 13.25
N PRO A 16 -19.53 -2.23 12.85
CA PRO A 16 -18.34 -3.09 12.71
C PRO A 16 -18.19 -4.09 13.86
N GLY A 17 -18.28 -3.60 15.09
CA GLY A 17 -18.14 -4.48 16.23
C GLY A 17 -19.27 -5.47 16.34
N GLY A 18 -20.50 -4.95 16.31
CA GLY A 18 -21.68 -5.78 16.42
C GLY A 18 -21.83 -6.89 15.40
N TYR A 19 -21.65 -6.59 14.12
CA TYR A 19 -21.82 -7.64 13.14
C TYR A 19 -20.66 -8.63 13.15
N HIS A 20 -19.49 -8.21 13.62
CA HIS A 20 -18.37 -9.15 13.70
C HIS A 20 -18.65 -10.14 14.82
N ALA A 21 -19.19 -9.63 15.93
CA ALA A 21 -19.52 -10.47 17.07
C ALA A 21 -20.64 -11.46 16.68
N ALA A 22 -21.67 -10.97 16.00
CA ALA A 22 -22.79 -11.80 15.59
C ALA A 22 -22.35 -12.92 14.65
N ILE A 23 -21.56 -12.56 13.65
CA ILE A 23 -21.10 -13.57 12.70
C ILE A 23 -20.13 -14.59 13.29
N ARG A 24 -19.15 -14.12 14.07
CA ARG A 24 -18.19 -15.05 14.67
C ARG A 24 -18.91 -15.99 15.63
N ALA A 25 -19.90 -15.48 16.36
CA ALA A 25 -20.66 -16.31 17.29
C ALA A 25 -21.44 -17.36 16.52
N ALA A 26 -21.99 -16.97 15.37
CA ALA A 26 -22.76 -17.91 14.55
C ALA A 26 -21.84 -19.00 14.00
N GLN A 27 -20.64 -18.61 13.59
CA GLN A 27 -19.68 -19.57 13.06
C GLN A 27 -19.31 -20.60 14.12
N LEU A 28 -19.35 -20.18 15.38
CA LEU A 28 -19.02 -21.06 16.49
C LEU A 28 -20.21 -21.87 16.99
N GLY A 29 -21.32 -21.83 16.24
CA GLY A 29 -22.49 -22.61 16.61
C GLY A 29 -23.54 -22.02 17.54
N LEU A 30 -23.45 -20.73 17.84
CA LEU A 30 -24.43 -20.12 18.72
C LEU A 30 -25.65 -19.60 17.96
N LYS A 31 -26.80 -19.59 18.65
CA LYS A 31 -28.03 -19.09 18.08
C LYS A 31 -28.01 -17.60 18.47
N VAL A 32 -27.86 -16.75 17.47
CA VAL A 32 -27.75 -15.31 17.70
C VAL A 32 -28.89 -14.42 17.23
N LEU A 33 -29.17 -13.38 18.02
CA LEU A 33 -30.17 -12.39 17.68
C LEU A 33 -29.42 -11.07 17.67
N ALA A 34 -29.49 -10.34 16.56
CA ALA A 34 -28.82 -9.05 16.46
C ALA A 34 -29.92 -7.99 16.38
N VAL A 35 -29.81 -6.95 17.19
CA VAL A 35 -30.81 -5.89 17.20
C VAL A 35 -30.18 -4.60 16.66
N GLU A 36 -30.89 -3.92 15.77
CA GLU A 36 -30.39 -2.69 15.17
C GLU A 36 -31.51 -1.65 15.10
N ALA A 37 -31.26 -0.48 15.71
CA ALA A 37 -32.25 0.60 15.75
C ALA A 37 -32.26 1.47 14.50
N GLY A 38 -31.15 1.47 13.77
CA GLY A 38 -31.07 2.29 12.56
C GLY A 38 -30.68 1.46 11.35
N GLU A 39 -29.67 1.92 10.63
CA GLU A 39 -29.22 1.20 9.44
C GLU A 39 -28.18 0.14 9.80
N VAL A 40 -28.31 -1.02 9.18
CA VAL A 40 -27.37 -2.11 9.40
C VAL A 40 -25.99 -1.61 8.95
N GLY A 41 -24.95 -1.98 9.68
CA GLY A 41 -23.61 -1.56 9.30
C GLY A 41 -23.02 -0.49 10.19
N GLY A 42 -23.85 0.14 11.00
CA GLY A 42 -23.37 1.16 11.92
C GLY A 42 -22.83 2.44 11.30
N VAL A 43 -22.09 3.20 12.11
CA VAL A 43 -21.52 4.47 11.67
C VAL A 43 -20.50 4.35 10.55
N CYS A 44 -19.53 3.46 10.72
CA CYS A 44 -18.48 3.28 9.72
C CYS A 44 -19.00 3.09 8.30
N LEU A 45 -19.99 2.23 8.14
CA LEU A 45 -20.53 1.96 6.80
C LEU A 45 -21.53 2.98 6.28
N ASN A 46 -22.30 3.58 7.19
CA ASN A 46 -23.33 4.53 6.80
C ASN A 46 -23.00 6.02 6.80
N VAL A 47 -22.35 6.49 7.86
CA VAL A 47 -22.04 7.91 7.94
C VAL A 47 -20.62 8.19 8.43
N GLY A 48 -19.75 7.19 8.32
CA GLY A 48 -18.38 7.40 8.79
C GLY A 48 -17.33 7.04 7.77
N CYS A 49 -16.56 6.01 8.08
CA CYS A 49 -15.47 5.53 7.23
C CYS A 49 -15.74 5.53 5.74
N ILE A 50 -16.73 4.74 5.35
CA ILE A 50 -17.05 4.57 3.94
C ILE A 50 -17.43 5.83 3.17
N PRO A 51 -18.48 6.53 3.58
CA PRO A 51 -18.80 7.73 2.79
C PRO A 51 -17.68 8.77 2.78
N THR A 52 -16.95 8.90 3.89
CA THR A 52 -15.85 9.87 3.94
C THR A 52 -14.73 9.46 2.99
N LYS A 53 -14.34 8.18 3.02
CA LYS A 53 -13.28 7.73 2.13
C LYS A 53 -13.70 7.90 0.67
N ALA A 54 -14.98 7.67 0.38
CA ALA A 54 -15.48 7.82 -0.99
C ALA A 54 -15.30 9.27 -1.44
N LEU A 55 -15.69 10.22 -0.58
CA LEU A 55 -15.56 11.64 -0.93
C LEU A 55 -14.09 12.03 -1.08
N LEU A 56 -13.24 11.51 -0.20
CA LEU A 56 -11.82 11.80 -0.27
C LEU A 56 -11.23 11.28 -1.58
N HIS A 57 -11.69 10.13 -2.05
CA HIS A 57 -11.18 9.57 -3.29
C HIS A 57 -11.57 10.45 -4.47
N ALA A 58 -12.81 10.93 -4.47
CA ALA A 58 -13.27 11.79 -5.54
C ALA A 58 -12.45 13.09 -5.53
N ALA A 59 -12.27 13.65 -4.34
CA ALA A 59 -11.51 14.90 -4.19
C ALA A 59 -10.05 14.74 -4.62
N GLU A 60 -9.47 13.59 -4.32
CA GLU A 60 -8.08 13.32 -4.68
C GLU A 60 -7.96 13.15 -6.20
N THR A 61 -8.95 12.51 -6.80
CA THR A 61 -8.93 12.30 -8.25
C THR A 61 -8.97 13.66 -8.94
N LEU A 62 -9.80 14.56 -8.42
CA LEU A 62 -9.92 15.89 -8.98
C LEU A 62 -8.64 16.70 -8.77
N HIS A 63 -8.14 16.66 -7.54
CA HIS A 63 -6.92 17.38 -7.17
C HIS A 63 -5.69 16.97 -7.98
N HIS A 64 -5.51 15.67 -8.15
CA HIS A 64 -4.35 15.16 -8.87
C HIS A 64 -4.26 15.64 -10.31
N LEU A 65 -5.38 16.07 -10.87
CA LEU A 65 -5.40 16.57 -12.25
C LEU A 65 -4.47 17.77 -12.39
N LYS A 66 -4.29 18.51 -11.30
CA LYS A 66 -3.41 19.67 -11.31
C LYS A 66 -1.97 19.19 -11.52
N VAL A 67 -1.56 18.19 -10.76
CA VAL A 67 -0.22 17.64 -10.88
C VAL A 67 -0.06 16.97 -12.24
N ALA A 68 -1.10 16.26 -12.66
CA ALA A 68 -1.09 15.54 -13.93
C ALA A 68 -0.80 16.44 -15.12
N GLU A 69 -1.18 17.71 -15.02
CA GLU A 69 -0.94 18.67 -16.09
C GLU A 69 0.57 18.68 -16.35
N GLY A 70 1.32 18.34 -15.31
CA GLY A 70 2.78 18.31 -15.40
C GLY A 70 3.29 17.26 -16.36
N PHE A 71 2.51 16.22 -16.63
CA PHE A 71 2.97 15.21 -17.56
C PHE A 71 2.10 15.06 -18.82
N GLY A 72 1.58 16.19 -19.28
CA GLY A 72 0.78 16.19 -20.50
C GLY A 72 -0.70 15.90 -20.41
N LEU A 73 -1.21 15.70 -19.20
CA LEU A 73 -2.63 15.43 -19.04
C LEU A 73 -3.38 16.74 -18.88
N LYS A 74 -4.01 17.19 -19.96
CA LYS A 74 -4.78 18.42 -19.96
C LYS A 74 -6.24 18.08 -19.77
N ALA A 75 -6.92 18.80 -18.89
CA ALA A 75 -8.32 18.53 -18.65
C ALA A 75 -9.09 19.78 -18.21
N LYS A 76 -10.39 19.75 -18.45
CA LYS A 76 -11.29 20.84 -18.08
C LYS A 76 -12.35 20.17 -17.20
N PRO A 77 -11.94 19.77 -15.98
CA PRO A 77 -12.82 19.11 -15.01
C PRO A 77 -14.11 19.83 -14.65
N GLU A 78 -15.18 19.05 -14.53
CA GLU A 78 -16.50 19.54 -14.17
C GLU A 78 -17.05 18.52 -13.19
N LEU A 79 -17.23 18.93 -11.94
CA LEU A 79 -17.73 18.02 -10.92
C LEU A 79 -19.21 18.21 -10.60
N ASP A 80 -19.98 17.17 -10.86
CA ASP A 80 -21.41 17.18 -10.58
C ASP A 80 -21.58 16.67 -9.15
N LEU A 81 -21.81 17.59 -8.22
CA LEU A 81 -21.95 17.21 -6.81
C LEU A 81 -23.14 16.29 -6.56
N LYS A 82 -24.20 16.45 -7.35
CA LYS A 82 -25.37 15.62 -7.17
C LYS A 82 -25.00 14.18 -7.53
N LYS A 83 -24.24 14.02 -8.61
CA LYS A 83 -23.81 12.70 -9.06
C LYS A 83 -22.84 12.09 -8.04
N LEU A 84 -21.98 12.94 -7.48
CA LEU A 84 -21.02 12.49 -6.48
C LEU A 84 -21.78 11.94 -5.28
N GLY A 85 -22.79 12.69 -4.84
CA GLY A 85 -23.58 12.25 -3.69
C GLY A 85 -24.29 10.95 -4.02
N GLY A 86 -24.76 10.83 -5.26
CA GLY A 86 -25.45 9.62 -5.66
C GLY A 86 -24.52 8.42 -5.59
N TRP A 87 -23.28 8.61 -6.01
CA TRP A 87 -22.30 7.52 -5.97
C TRP A 87 -22.01 7.15 -4.52
N ARG A 88 -21.81 8.15 -3.69
CA ARG A 88 -21.55 7.92 -2.27
C ARG A 88 -22.69 7.05 -1.71
N ASP A 89 -23.93 7.40 -2.06
CA ASP A 89 -25.08 6.64 -1.58
C ASP A 89 -25.06 5.21 -2.10
N GLN A 90 -24.64 5.02 -3.35
CA GLN A 90 -24.58 3.69 -3.94
C GLN A 90 -23.58 2.80 -3.20
N VAL A 91 -22.43 3.37 -2.89
CA VAL A 91 -21.38 2.63 -2.18
C VAL A 91 -21.90 2.18 -0.82
N VAL A 92 -22.52 3.10 -0.09
CA VAL A 92 -23.08 2.79 1.22
C VAL A 92 -24.14 1.70 1.13
N LYS A 93 -25.05 1.84 0.17
CA LYS A 93 -26.12 0.86 0.00
C LYS A 93 -25.61 -0.54 -0.32
N LYS A 94 -24.58 -0.62 -1.16
CA LYS A 94 -24.01 -1.91 -1.55
C LYS A 94 -23.38 -2.60 -0.34
N LEU A 95 -22.62 -1.85 0.44
CA LEU A 95 -21.96 -2.41 1.61
C LEU A 95 -22.90 -2.78 2.75
N THR A 96 -23.86 -1.92 3.06
CA THR A 96 -24.80 -2.22 4.14
C THR A 96 -25.67 -3.40 3.72
N GLY A 97 -26.02 -3.44 2.43
CA GLY A 97 -26.81 -4.54 1.94
C GLY A 97 -26.00 -5.81 2.08
N GLY A 98 -24.69 -5.69 1.86
CA GLY A 98 -23.81 -6.83 1.97
C GLY A 98 -23.76 -7.40 3.38
N VAL A 99 -23.74 -6.52 4.38
CA VAL A 99 -23.69 -6.98 5.77
C VAL A 99 -24.99 -7.68 6.11
N GLY A 100 -26.11 -7.16 5.60
CA GLY A 100 -27.39 -7.79 5.86
C GLY A 100 -27.41 -9.20 5.30
N THR A 101 -26.82 -9.36 4.11
CA THR A 101 -26.76 -10.66 3.45
C THR A 101 -25.86 -11.62 4.22
N LEU A 102 -24.79 -11.11 4.80
CA LEU A 102 -23.88 -11.93 5.58
C LEU A 102 -24.52 -12.42 6.87
N LEU A 103 -25.29 -11.56 7.51
CA LEU A 103 -25.96 -11.92 8.75
C LEU A 103 -26.95 -13.06 8.46
N LYS A 104 -27.73 -12.89 7.40
CA LYS A 104 -28.72 -13.89 7.01
C LYS A 104 -28.02 -15.18 6.61
N GLY A 105 -26.95 -15.05 5.82
CA GLY A 105 -26.21 -16.21 5.37
C GLY A 105 -25.59 -17.00 6.51
N ASN A 106 -25.35 -16.33 7.64
CA ASN A 106 -24.75 -16.98 8.80
C ASN A 106 -25.81 -17.46 9.81
N GLY A 107 -27.07 -17.27 9.47
CA GLY A 107 -28.14 -17.71 10.34
C GLY A 107 -28.43 -16.79 11.53
N VAL A 108 -27.97 -15.55 11.44
CA VAL A 108 -28.20 -14.59 12.51
C VAL A 108 -29.56 -13.93 12.31
N GLU A 109 -30.38 -13.93 13.35
CA GLU A 109 -31.70 -13.32 13.26
C GLU A 109 -31.57 -11.81 13.50
N LEU A 110 -32.12 -11.01 12.58
CA LEU A 110 -32.05 -9.57 12.69
C LEU A 110 -33.37 -8.92 13.09
N LEU A 111 -33.37 -8.21 14.22
CA LEU A 111 -34.56 -7.51 14.71
C LEU A 111 -34.32 -6.01 14.64
N ARG A 112 -35.25 -5.29 14.03
CA ARG A 112 -35.12 -3.85 13.92
C ARG A 112 -35.88 -3.16 15.05
N GLY A 113 -35.17 -2.35 15.82
CA GLY A 113 -35.78 -1.64 16.93
C GLY A 113 -34.72 -1.18 17.91
N PHE A 114 -35.12 -0.38 18.89
CA PHE A 114 -34.18 0.12 19.90
C PHE A 114 -34.25 -0.77 21.13
N ALA A 115 -33.13 -1.43 21.42
CA ALA A 115 -33.06 -2.34 22.56
C ALA A 115 -32.64 -1.66 23.86
N ARG A 116 -33.25 -2.10 24.96
CA ARG A 116 -32.94 -1.58 26.29
C ARG A 116 -32.94 -2.77 27.23
N LEU A 117 -31.89 -2.91 28.04
CA LEU A 117 -31.85 -4.01 28.99
C LEU A 117 -32.86 -3.74 30.09
N VAL A 118 -33.47 -4.80 30.62
CA VAL A 118 -34.43 -4.65 31.72
C VAL A 118 -33.92 -5.48 32.88
N GLY A 119 -32.85 -6.22 32.62
CA GLY A 119 -32.23 -7.07 33.62
C GLY A 119 -30.86 -7.49 33.14
N PRO A 120 -30.10 -8.23 33.97
CA PRO A 120 -28.75 -8.69 33.61
C PRO A 120 -28.67 -9.46 32.28
N LYS A 121 -29.69 -10.26 32.00
CA LYS A 121 -29.71 -11.07 30.78
C LYS A 121 -31.04 -10.98 30.02
N GLU A 122 -31.73 -9.86 30.14
CA GLU A 122 -33.00 -9.70 29.45
C GLU A 122 -33.08 -8.34 28.78
N VAL A 123 -33.52 -8.33 27.53
CA VAL A 123 -33.64 -7.10 26.75
C VAL A 123 -35.08 -6.87 26.30
N GLU A 124 -35.48 -5.60 26.23
CA GLU A 124 -36.82 -5.26 25.78
C GLU A 124 -36.71 -4.48 24.48
N VAL A 125 -37.46 -4.92 23.47
CA VAL A 125 -37.47 -4.27 22.17
C VAL A 125 -38.90 -4.19 21.65
N GLY A 126 -39.36 -2.97 21.38
CA GLY A 126 -40.71 -2.79 20.88
C GLY A 126 -41.77 -3.35 21.82
N GLY A 127 -41.46 -3.39 23.11
CA GLY A 127 -42.43 -3.90 24.08
C GLY A 127 -42.35 -5.41 24.30
N GLU A 128 -41.52 -6.08 23.51
CA GLU A 128 -41.35 -7.53 23.62
C GLU A 128 -40.05 -7.84 24.36
N ARG A 129 -40.03 -8.97 25.05
CA ARG A 129 -38.86 -9.39 25.82
C ARG A 129 -38.05 -10.48 25.14
N TYR A 130 -36.72 -10.37 25.24
CA TYR A 130 -35.80 -11.35 24.67
C TYR A 130 -34.72 -11.65 25.69
N GLY A 131 -34.31 -12.90 25.78
CA GLY A 131 -33.29 -13.28 26.74
C GLY A 131 -32.18 -14.13 26.14
N ALA A 132 -31.03 -14.16 26.81
CA ALA A 132 -29.90 -14.94 26.33
C ALA A 132 -28.86 -15.17 27.43
N LYS A 133 -28.10 -16.24 27.30
CA LYS A 133 -27.07 -16.57 28.27
C LYS A 133 -25.97 -15.52 28.23
N SER A 134 -25.75 -14.94 27.05
CA SER A 134 -24.74 -13.91 26.86
C SER A 134 -25.30 -12.72 26.11
N LEU A 135 -24.79 -11.55 26.43
CA LEU A 135 -25.19 -10.30 25.78
C LEU A 135 -23.94 -9.55 25.36
N ILE A 136 -23.94 -8.99 24.15
CA ILE A 136 -22.81 -8.22 23.68
C ILE A 136 -23.34 -6.84 23.32
N LEU A 137 -22.84 -5.82 24.02
CA LEU A 137 -23.26 -4.45 23.83
C LEU A 137 -22.32 -3.74 22.86
N ALA A 138 -22.82 -3.39 21.69
CA ALA A 138 -22.03 -2.74 20.66
C ALA A 138 -22.82 -1.56 20.09
N THR A 139 -23.22 -0.67 20.97
CA THR A 139 -24.04 0.47 20.61
C THR A 139 -23.34 1.67 20.00
N GLY A 140 -22.01 1.62 19.92
CA GLY A 140 -21.26 2.70 19.30
C GLY A 140 -21.27 4.07 19.97
N SER A 141 -21.12 5.10 19.15
CA SER A 141 -21.08 6.47 19.65
C SER A 141 -21.81 7.43 18.72
N GLU A 142 -21.82 8.71 19.11
CA GLU A 142 -22.48 9.74 18.33
C GLU A 142 -21.63 11.01 18.42
N PRO A 143 -21.86 11.97 17.52
CA PRO A 143 -21.07 13.21 17.55
C PRO A 143 -21.16 13.92 18.90
N LEU A 144 -20.00 14.35 19.41
CA LEU A 144 -19.94 15.07 20.69
C LEU A 144 -20.32 16.52 20.46
N GLU A 145 -21.25 17.04 21.26
CA GLU A 145 -21.66 18.43 21.12
C GLU A 145 -20.69 19.35 21.84
N LEU A 146 -20.49 20.54 21.28
CA LEU A 146 -19.57 21.52 21.84
C LEU A 146 -20.30 22.71 22.44
N LYS A 147 -19.95 23.07 23.67
CA LYS A 147 -20.57 24.20 24.34
C LYS A 147 -20.44 25.44 23.46
N GLY A 148 -21.54 26.15 23.29
CA GLY A 148 -21.53 27.35 22.48
C GLY A 148 -21.84 27.10 21.01
N PHE A 149 -21.87 25.83 20.62
CA PHE A 149 -22.15 25.47 19.24
C PHE A 149 -23.17 24.36 19.07
N PRO A 150 -24.41 24.58 19.53
CA PRO A 150 -25.43 23.54 19.38
C PRO A 150 -25.63 23.19 17.90
N PHE A 151 -25.84 21.91 17.62
CA PHE A 151 -26.04 21.47 16.25
C PHE A 151 -27.33 22.04 15.68
N GLY A 152 -27.25 22.45 14.42
CA GLY A 152 -28.41 23.03 13.75
C GLY A 152 -28.11 23.30 12.29
N GLU A 153 -28.93 24.14 11.66
CA GLU A 153 -28.75 24.48 10.25
C GLU A 153 -27.38 25.04 9.91
N ASP A 154 -26.77 25.78 10.84
CA ASP A 154 -25.47 26.40 10.59
C ASP A 154 -24.29 25.71 11.26
N VAL A 155 -24.56 24.80 12.18
CA VAL A 155 -23.52 24.06 12.90
C VAL A 155 -23.74 22.58 12.61
N TRP A 156 -22.88 22.03 11.76
CA TRP A 156 -23.00 20.64 11.34
C TRP A 156 -22.16 19.63 12.10
N ASP A 157 -22.62 18.38 12.07
CA ASP A 157 -21.86 17.29 12.66
C ASP A 157 -21.30 16.60 11.41
N SER A 158 -20.51 15.56 11.58
CA SER A 158 -19.93 14.91 10.41
C SER A 158 -20.95 14.35 9.42
N THR A 159 -22.07 13.86 9.94
CA THR A 159 -23.10 13.28 9.08
C THR A 159 -23.65 14.31 8.09
N ARG A 160 -23.92 15.52 8.58
CA ARG A 160 -24.43 16.56 7.69
C ARG A 160 -23.34 17.00 6.71
N ALA A 161 -22.10 17.07 7.17
CA ALA A 161 -20.98 17.48 6.31
C ALA A 161 -20.79 16.55 5.11
N LEU A 162 -21.24 15.32 5.23
CA LEU A 162 -21.10 14.35 4.13
C LEU A 162 -21.93 14.73 2.91
N LYS A 163 -23.04 15.44 3.14
CA LYS A 163 -23.94 15.81 2.06
C LYS A 163 -23.52 17.04 1.26
N VAL A 164 -22.44 16.88 0.50
CA VAL A 164 -21.91 17.96 -0.32
C VAL A 164 -22.86 18.38 -1.44
N GLU A 165 -23.80 17.51 -1.77
CA GLU A 165 -24.75 17.81 -2.84
C GLU A 165 -25.83 18.78 -2.38
N GLU A 166 -25.85 19.08 -1.09
CA GLU A 166 -26.83 20.00 -0.54
C GLU A 166 -26.30 21.43 -0.45
N GLY A 167 -25.28 21.72 -1.26
CA GLY A 167 -24.71 23.05 -1.27
C GLY A 167 -23.43 23.22 -0.48
N LEU A 168 -22.38 23.69 -1.14
CA LEU A 168 -21.10 23.91 -0.47
C LEU A 168 -21.01 25.33 0.08
N PRO A 169 -20.56 25.46 1.34
CA PRO A 169 -20.45 26.81 1.92
C PRO A 169 -19.23 27.52 1.34
N LYS A 170 -19.29 28.84 1.24
CA LYS A 170 -18.17 29.58 0.70
C LYS A 170 -17.01 29.54 1.70
N ARG A 171 -17.35 29.60 2.98
CA ARG A 171 -16.35 29.56 4.05
C ARG A 171 -16.77 28.58 5.14
N LEU A 172 -15.86 27.70 5.52
CA LEU A 172 -16.15 26.70 6.55
C LEU A 172 -15.14 26.73 7.69
N LEU A 173 -15.64 26.61 8.91
CA LEU A 173 -14.76 26.56 10.08
C LEU A 173 -14.91 25.13 10.60
N VAL A 174 -13.78 24.42 10.72
CA VAL A 174 -13.80 23.06 11.23
C VAL A 174 -13.19 23.09 12.62
N ILE A 175 -13.93 22.63 13.62
CA ILE A 175 -13.43 22.60 14.98
C ILE A 175 -13.06 21.16 15.30
N GLY A 176 -11.75 20.91 15.41
CA GLY A 176 -11.25 19.58 15.70
C GLY A 176 -10.16 19.17 14.74
N GLY A 177 -8.98 18.88 15.29
CA GLY A 177 -7.85 18.48 14.48
C GLY A 177 -7.58 16.99 14.50
N GLY A 178 -8.64 16.22 14.67
CA GLY A 178 -8.51 14.77 14.66
C GLY A 178 -8.75 14.30 13.24
N ALA A 179 -8.79 12.99 13.02
CA ALA A 179 -8.99 12.45 11.69
C ALA A 179 -10.24 12.97 10.99
N VAL A 180 -11.35 13.04 11.72
CA VAL A 180 -12.61 13.50 11.12
C VAL A 180 -12.52 14.93 10.61
N GLY A 181 -12.05 15.84 11.45
CA GLY A 181 -11.94 17.23 11.06
C GLY A 181 -10.97 17.44 9.91
N LEU A 182 -9.82 16.78 9.97
CA LEU A 182 -8.81 16.93 8.91
C LEU A 182 -9.32 16.41 7.57
N GLU A 183 -9.92 15.23 7.58
CA GLU A 183 -10.44 14.63 6.35
C GLU A 183 -11.55 15.45 5.72
N LEU A 184 -12.57 15.80 6.50
CA LEU A 184 -13.67 16.58 5.94
C LEU A 184 -13.19 17.98 5.57
N GLY A 185 -12.25 18.51 6.33
CA GLY A 185 -11.72 19.83 6.02
C GLY A 185 -11.06 19.81 4.65
N GLN A 186 -10.28 18.76 4.38
CA GLN A 186 -9.61 18.68 3.08
C GLN A 186 -10.59 18.44 1.95
N VAL A 187 -11.64 17.65 2.21
CA VAL A 187 -12.64 17.40 1.18
C VAL A 187 -13.28 18.73 0.78
N TYR A 188 -13.70 19.51 1.76
CA TYR A 188 -14.33 20.80 1.46
C TYR A 188 -13.39 21.78 0.77
N ARG A 189 -12.12 21.78 1.15
CA ARG A 189 -11.18 22.70 0.52
C ARG A 189 -11.00 22.32 -0.95
N ARG A 190 -10.84 21.02 -1.22
CA ARG A 190 -10.66 20.56 -2.59
C ARG A 190 -11.90 20.76 -3.45
N LEU A 191 -13.04 20.97 -2.79
CA LEU A 191 -14.29 21.20 -3.50
C LEU A 191 -14.53 22.70 -3.72
N GLY A 192 -13.60 23.52 -3.27
CA GLY A 192 -13.72 24.96 -3.48
C GLY A 192 -13.99 25.88 -2.30
N ALA A 193 -14.27 25.31 -1.13
CA ALA A 193 -14.55 26.14 0.03
C ALA A 193 -13.30 26.68 0.69
N GLU A 194 -13.44 27.81 1.38
CA GLU A 194 -12.34 28.39 2.13
C GLU A 194 -12.47 27.62 3.44
N VAL A 195 -11.36 27.12 3.96
CA VAL A 195 -11.43 26.34 5.19
C VAL A 195 -10.46 26.76 6.27
N THR A 196 -10.97 26.92 7.48
CA THR A 196 -10.14 27.24 8.64
C THR A 196 -10.40 26.11 9.61
N LEU A 197 -9.33 25.52 10.12
CA LEU A 197 -9.46 24.41 11.07
C LEU A 197 -8.71 24.75 12.35
N ILE A 198 -9.36 24.52 13.48
CA ILE A 198 -8.72 24.80 14.76
C ILE A 198 -8.62 23.53 15.61
N GLU A 199 -7.57 23.46 16.40
CA GLU A 199 -7.32 22.32 17.29
C GLU A 199 -6.89 22.86 18.65
N TYR A 200 -7.52 22.33 19.69
CA TYR A 200 -7.25 22.73 21.07
C TYR A 200 -5.83 22.39 21.52
N MET A 201 -5.34 21.23 21.14
CA MET A 201 -4.00 20.82 21.54
C MET A 201 -2.93 21.56 20.73
N PRO A 202 -1.67 21.50 21.18
CA PRO A 202 -0.55 22.17 20.51
C PRO A 202 -0.29 21.75 19.07
N GLU A 203 -0.70 20.54 18.71
CA GLU A 203 -0.49 20.02 17.35
C GLU A 203 -1.68 19.16 16.96
N ILE A 204 -1.94 19.04 15.66
CA ILE A 204 -3.04 18.19 15.21
C ILE A 204 -2.68 16.75 15.54
N LEU A 205 -3.66 15.86 15.51
CA LEU A 205 -3.43 14.45 15.84
C LEU A 205 -2.61 14.38 17.14
N PRO A 206 -3.09 15.06 18.20
CA PRO A 206 -2.43 15.12 19.51
C PRO A 206 -1.81 13.85 20.09
N GLN A 207 -2.44 12.70 19.90
CA GLN A 207 -1.87 11.47 20.45
C GLN A 207 -0.87 10.80 19.51
N GLY A 208 -0.74 11.33 18.29
CA GLY A 208 0.19 10.76 17.35
C GLY A 208 1.55 11.45 17.36
N ASP A 209 2.52 10.86 16.69
CA ASP A 209 3.86 11.43 16.59
C ASP A 209 3.77 12.87 16.10
N PRO A 210 4.26 13.84 16.89
CA PRO A 210 4.17 15.24 16.47
C PRO A 210 4.96 15.62 15.20
N GLU A 211 6.06 14.93 14.94
CA GLU A 211 6.86 15.25 13.77
C GLU A 211 6.12 15.01 12.46
N THR A 212 5.59 13.81 12.29
CA THR A 212 4.86 13.49 11.07
C THR A 212 3.52 14.21 11.04
N ALA A 213 2.93 14.45 12.21
CA ALA A 213 1.65 15.16 12.27
C ALA A 213 1.85 16.59 11.76
N ALA A 214 2.97 17.22 12.14
CA ALA A 214 3.27 18.57 11.70
C ALA A 214 3.46 18.64 10.19
N LEU A 215 4.05 17.61 9.60
CA LEU A 215 4.25 17.59 8.15
C LEU A 215 2.89 17.55 7.45
N LEU A 216 1.95 16.80 8.02
CA LEU A 216 0.62 16.72 7.45
C LEU A 216 -0.01 18.11 7.53
N ARG A 217 0.11 18.73 8.71
CA ARG A 217 -0.45 20.07 8.89
C ARG A 217 0.10 21.02 7.84
N ARG A 218 1.41 20.97 7.62
CA ARG A 218 2.03 21.85 6.64
C ARG A 218 1.53 21.59 5.22
N ALA A 219 1.29 20.32 4.90
CA ALA A 219 0.80 19.96 3.58
C ALA A 219 -0.59 20.55 3.38
N LEU A 220 -1.41 20.48 4.42
CA LEU A 220 -2.77 21.03 4.37
C LEU A 220 -2.74 22.55 4.24
N GLU A 221 -1.82 23.18 4.95
CA GLU A 221 -1.70 24.63 4.90
C GLU A 221 -1.29 25.07 3.49
N LYS A 222 -0.46 24.26 2.85
CA LYS A 222 0.00 24.54 1.50
C LYS A 222 -1.17 24.54 0.52
N GLU A 223 -2.23 23.79 0.85
CA GLU A 223 -3.40 23.73 -0.01
C GLU A 223 -4.40 24.86 0.30
N GLY A 224 -4.02 25.75 1.21
CA GLY A 224 -4.90 26.86 1.54
C GLY A 224 -5.73 26.72 2.80
N ILE A 225 -5.59 25.61 3.50
CA ILE A 225 -6.35 25.42 4.73
C ILE A 225 -5.62 26.14 5.85
N ARG A 226 -6.33 27.06 6.50
CA ARG A 226 -5.74 27.80 7.62
C ARG A 226 -5.90 26.92 8.85
N VAL A 227 -4.78 26.48 9.42
CA VAL A 227 -4.81 25.63 10.60
C VAL A 227 -4.28 26.39 11.81
N ARG A 228 -5.07 26.39 12.88
CA ARG A 228 -4.70 27.09 14.10
C ARG A 228 -4.75 26.14 15.29
N THR A 229 -3.57 25.78 15.79
CA THR A 229 -3.46 24.88 16.94
C THR A 229 -3.46 25.69 18.24
N LYS A 230 -3.54 24.99 19.37
CA LYS A 230 -3.57 25.65 20.68
C LYS A 230 -4.67 26.71 20.68
N THR A 231 -5.77 26.40 19.99
CA THR A 231 -6.88 27.34 19.86
C THR A 231 -8.23 26.70 20.09
N LYS A 232 -9.16 27.46 20.68
CA LYS A 232 -10.51 26.97 20.92
C LYS A 232 -11.53 27.98 20.40
N ALA A 233 -12.75 27.50 20.17
CA ALA A 233 -13.85 28.36 19.71
C ALA A 233 -14.77 28.49 20.91
N VAL A 234 -15.05 29.72 21.31
CA VAL A 234 -15.90 29.98 22.47
C VAL A 234 -17.39 30.07 22.16
N GLY A 235 -17.72 30.67 21.03
CA GLY A 235 -19.11 30.81 20.64
C GLY A 235 -19.21 31.62 19.37
N TYR A 236 -20.43 31.92 18.95
CA TYR A 236 -20.60 32.71 17.73
C TYR A 236 -21.90 33.49 17.73
N GLU A 237 -22.00 34.42 16.78
CA GLU A 237 -23.21 35.23 16.62
C GLU A 237 -23.56 35.23 15.14
N LYS A 238 -24.82 34.97 14.83
CA LYS A 238 -25.27 34.94 13.44
C LYS A 238 -25.63 36.35 12.98
N LYS A 239 -24.90 36.84 11.99
CA LYS A 239 -25.15 38.16 11.45
C LYS A 239 -25.51 38.08 9.97
N LYS A 240 -25.81 39.23 9.39
CA LYS A 240 -26.18 39.33 8.00
C LYS A 240 -25.14 38.77 7.03
N ASP A 241 -23.86 38.99 7.33
CA ASP A 241 -22.78 38.52 6.46
C ASP A 241 -22.23 37.14 6.81
N GLY A 242 -22.82 36.49 7.81
CA GLY A 242 -22.36 35.16 8.18
C GLY A 242 -22.22 34.94 9.68
N LEU A 243 -21.51 33.87 10.03
CA LEU A 243 -21.30 33.52 11.43
C LEU A 243 -20.00 34.12 11.95
N HIS A 244 -20.13 34.96 12.97
CA HIS A 244 -18.95 35.58 13.58
C HIS A 244 -18.56 34.74 14.79
N VAL A 245 -17.50 33.96 14.61
CA VAL A 245 -17.01 33.05 15.64
C VAL A 245 -15.85 33.64 16.44
N ARG A 246 -15.94 33.52 17.77
CA ARG A 246 -14.89 34.01 18.64
C ARG A 246 -13.90 32.89 18.97
N LEU A 247 -12.62 33.11 18.63
CA LEU A 247 -11.57 32.15 18.92
C LEU A 247 -10.71 32.70 20.03
N GLU A 248 -10.09 31.82 20.81
CA GLU A 248 -9.20 32.23 21.90
C GLU A 248 -8.13 31.17 22.05
N PRO A 249 -7.07 31.47 22.81
CA PRO A 249 -6.03 30.46 22.99
C PRO A 249 -6.76 29.35 23.73
N ALA A 250 -6.35 28.10 23.54
CA ALA A 250 -7.01 26.99 24.19
C ALA A 250 -7.21 27.17 25.69
N GLU A 251 -6.19 27.70 26.38
CA GLU A 251 -6.27 27.90 27.81
C GLU A 251 -7.03 29.16 28.20
N GLY A 252 -7.54 29.87 27.21
CA GLY A 252 -8.28 31.09 27.47
C GLY A 252 -7.37 32.30 27.25
N GLY A 253 -7.93 33.37 26.73
CA GLY A 253 -7.14 34.57 26.48
C GLY A 253 -7.87 35.57 25.61
N GLU A 254 -7.12 36.45 24.96
CA GLU A 254 -7.70 37.46 24.09
C GLU A 254 -8.42 36.82 22.91
N GLY A 255 -9.58 37.36 22.56
CA GLY A 255 -10.34 36.79 21.46
C GLY A 255 -9.98 37.30 20.08
N GLU A 256 -10.26 36.49 19.08
CA GLU A 256 -10.03 36.83 17.69
C GLU A 256 -11.23 36.30 16.92
N GLU A 257 -11.84 37.17 16.11
CA GLU A 257 -13.02 36.77 15.37
C GLU A 257 -12.71 36.27 13.96
N VAL A 258 -13.48 35.28 13.52
CA VAL A 258 -13.35 34.74 12.17
C VAL A 258 -14.78 34.62 11.65
N VAL A 259 -15.00 35.01 10.40
CA VAL A 259 -16.33 34.93 9.83
C VAL A 259 -16.43 33.81 8.81
N VAL A 260 -17.39 32.91 9.02
CA VAL A 260 -17.62 31.78 8.11
C VAL A 260 -19.11 31.62 7.86
N ASP A 261 -19.46 30.75 6.92
CA ASP A 261 -20.86 30.52 6.59
C ASP A 261 -21.44 29.31 7.33
N LYS A 262 -20.57 28.35 7.63
CA LYS A 262 -20.98 27.15 8.35
C LYS A 262 -19.84 26.67 9.26
N VAL A 263 -20.21 25.96 10.31
CA VAL A 263 -19.25 25.41 11.25
C VAL A 263 -19.45 23.90 11.32
N LEU A 264 -18.35 23.16 11.27
CA LEU A 264 -18.40 21.70 11.38
C LEU A 264 -17.75 21.41 12.72
N VAL A 265 -18.50 20.78 13.63
CA VAL A 265 -17.95 20.42 14.93
C VAL A 265 -17.52 18.96 14.90
N ALA A 266 -16.21 18.74 15.01
CA ALA A 266 -15.64 17.39 15.00
C ALA A 266 -14.67 17.28 16.17
N VAL A 267 -15.16 17.53 17.38
CA VAL A 267 -14.33 17.50 18.57
C VAL A 267 -14.30 16.18 19.31
N GLY A 268 -15.01 15.18 18.78
CA GLY A 268 -15.03 13.89 19.43
C GLY A 268 -16.34 13.16 19.32
N ARG A 269 -16.46 12.10 20.12
CA ARG A 269 -17.65 11.25 20.10
C ARG A 269 -18.13 10.99 21.53
N LYS A 270 -19.41 10.65 21.65
CA LYS A 270 -20.00 10.33 22.95
C LYS A 270 -20.57 8.91 22.85
N PRO A 271 -20.13 8.01 23.75
CA PRO A 271 -20.65 6.64 23.71
C PRO A 271 -22.15 6.58 23.95
N ARG A 272 -22.85 5.76 23.16
CA ARG A 272 -24.30 5.62 23.28
C ARG A 272 -24.66 4.60 24.36
N THR A 273 -24.49 5.02 25.61
CA THR A 273 -24.74 4.16 26.75
C THR A 273 -25.83 4.65 27.71
N GLU A 274 -26.43 5.79 27.41
CA GLU A 274 -27.51 6.32 28.25
C GLU A 274 -28.83 5.83 27.67
N GLY A 275 -29.79 5.54 28.55
CA GLY A 275 -31.09 5.07 28.10
C GLY A 275 -31.02 3.68 27.50
N LEU A 276 -29.97 2.94 27.86
CA LEU A 276 -29.75 1.58 27.36
C LEU A 276 -30.15 0.52 28.39
N GLY A 277 -30.56 0.98 29.58
CA GLY A 277 -30.96 0.06 30.63
C GLY A 277 -29.81 -0.56 31.40
N LEU A 278 -28.63 0.01 31.26
CA LEU A 278 -27.46 -0.51 31.97
C LEU A 278 -27.66 -0.44 33.48
N GLU A 279 -28.37 0.59 33.94
CA GLU A 279 -28.61 0.76 35.38
C GLU A 279 -29.62 -0.27 35.92
N LYS A 280 -30.25 -1.00 35.01
CA LYS A 280 -31.20 -2.04 35.42
C LYS A 280 -30.50 -3.40 35.39
N ALA A 281 -29.35 -3.45 34.74
CA ALA A 281 -28.60 -4.70 34.60
C ALA A 281 -27.36 -4.81 35.48
N GLY A 282 -26.93 -3.70 36.07
CA GLY A 282 -25.75 -3.73 36.91
C GLY A 282 -24.44 -3.51 36.17
N VAL A 283 -24.52 -3.09 34.92
CA VAL A 283 -23.32 -2.86 34.11
C VAL A 283 -22.70 -1.51 34.48
N LYS A 284 -21.45 -1.53 34.93
CA LYS A 284 -20.75 -0.31 35.34
C LYS A 284 -20.26 0.51 34.15
N VAL A 285 -20.41 1.82 34.26
CA VAL A 285 -20.00 2.76 33.23
C VAL A 285 -19.08 3.81 33.86
N ASP A 286 -18.04 4.23 33.14
CA ASP A 286 -17.13 5.22 33.71
C ASP A 286 -17.61 6.66 33.55
N GLU A 287 -16.84 7.59 34.10
CA GLU A 287 -17.17 9.01 34.06
C GLU A 287 -17.50 9.55 32.67
N ARG A 288 -16.79 9.04 31.67
CA ARG A 288 -16.95 9.48 30.29
C ARG A 288 -18.13 8.82 29.58
N GLY A 289 -18.73 7.81 30.19
CA GLY A 289 -19.85 7.13 29.56
C GLY A 289 -19.47 5.81 28.90
N PHE A 290 -18.21 5.41 29.00
CA PHE A 290 -17.79 4.15 28.41
C PHE A 290 -18.10 2.98 29.32
N ILE A 291 -18.56 1.87 28.74
CA ILE A 291 -18.86 0.69 29.53
C ILE A 291 -17.53 0.08 29.96
N ARG A 292 -17.34 -0.12 31.26
CA ARG A 292 -16.09 -0.68 31.78
C ARG A 292 -15.91 -2.15 31.41
N VAL A 293 -14.80 -2.46 30.76
CA VAL A 293 -14.50 -3.83 30.36
C VAL A 293 -13.04 -4.19 30.61
N ASN A 294 -12.77 -5.49 30.68
CA ASN A 294 -11.40 -5.97 30.84
C ASN A 294 -10.93 -6.43 29.46
N ALA A 295 -9.77 -7.08 29.39
CA ALA A 295 -9.23 -7.54 28.11
C ALA A 295 -10.07 -8.60 27.40
N ARG A 296 -10.95 -9.27 28.14
CA ARG A 296 -11.81 -10.29 27.56
C ARG A 296 -13.10 -9.62 27.06
N MET A 297 -13.14 -8.29 27.22
CA MET A 297 -14.27 -7.47 26.83
C MET A 297 -15.46 -7.68 27.76
N GLU A 298 -15.18 -8.28 28.91
CA GLU A 298 -16.21 -8.56 29.92
C GLU A 298 -16.56 -7.34 30.76
N THR A 299 -17.85 -7.12 30.98
CA THR A 299 -18.29 -5.99 31.81
C THR A 299 -18.35 -6.47 33.26
N SER A 300 -18.90 -5.64 34.13
CA SER A 300 -19.01 -5.97 35.55
C SER A 300 -20.01 -7.12 35.77
N VAL A 301 -20.81 -7.42 34.75
CA VAL A 301 -21.80 -8.48 34.85
C VAL A 301 -21.39 -9.71 34.03
N PRO A 302 -21.17 -10.86 34.71
CA PRO A 302 -20.77 -12.07 34.00
C PRO A 302 -21.72 -12.39 32.85
N GLY A 303 -21.16 -12.71 31.69
CA GLY A 303 -21.99 -13.04 30.54
C GLY A 303 -22.36 -11.84 29.69
N VAL A 304 -22.03 -10.64 30.16
CA VAL A 304 -22.34 -9.43 29.40
C VAL A 304 -21.03 -8.78 28.99
N TYR A 305 -20.86 -8.59 27.69
CA TYR A 305 -19.65 -7.98 27.15
C TYR A 305 -20.00 -6.67 26.47
N ALA A 306 -18.98 -5.82 26.30
CA ALA A 306 -19.16 -4.53 25.62
C ALA A 306 -17.97 -4.36 24.69
N ILE A 307 -18.20 -3.83 23.50
CA ILE A 307 -17.14 -3.66 22.52
C ILE A 307 -17.26 -2.36 21.75
N GLY A 308 -16.22 -2.07 20.98
CA GLY A 308 -16.21 -0.88 20.15
C GLY A 308 -16.21 0.47 20.84
N ASP A 309 -16.77 1.45 20.15
CA ASP A 309 -16.85 2.82 20.65
C ASP A 309 -17.56 2.94 22.00
N ALA A 310 -18.51 2.04 22.24
CA ALA A 310 -19.26 2.08 23.49
C ALA A 310 -18.44 1.58 24.67
N ALA A 311 -17.40 0.80 24.39
CA ALA A 311 -16.56 0.23 25.43
C ALA A 311 -15.35 1.07 25.84
N ARG A 312 -14.66 1.65 24.86
CA ARG A 312 -13.47 2.43 25.18
C ARG A 312 -12.77 2.96 23.93
N PRO A 313 -11.95 4.01 24.11
CA PRO A 313 -11.21 4.61 22.99
C PRO A 313 -10.00 3.68 22.79
N PRO A 314 -9.29 3.80 21.66
CA PRO A 314 -9.55 4.73 20.55
C PRO A 314 -10.83 4.33 19.81
N LEU A 315 -11.51 5.31 19.23
CA LEU A 315 -12.75 5.06 18.53
C LEU A 315 -12.45 4.74 17.06
N LEU A 316 -12.02 3.49 16.82
CA LEU A 316 -11.66 3.03 15.49
C LEU A 316 -12.41 1.77 15.09
N ALA A 317 -12.66 1.64 13.78
CA ALA A 317 -13.41 0.50 13.25
C ALA A 317 -12.72 -0.86 13.38
N HIS A 318 -11.45 -0.94 12.98
CA HIS A 318 -10.75 -2.22 13.06
C HIS A 318 -10.64 -2.71 14.51
N LYS A 319 -10.56 -1.77 15.44
CA LYS A 319 -10.51 -2.11 16.86
C LYS A 319 -11.85 -2.71 17.25
N ALA A 320 -12.94 -2.05 16.88
CA ALA A 320 -14.27 -2.55 17.21
C ALA A 320 -14.50 -3.94 16.62
N MET A 321 -14.05 -4.13 15.39
CA MET A 321 -14.20 -5.42 14.72
C MET A 321 -13.50 -6.53 15.51
N ARG A 322 -12.26 -6.30 15.90
CA ARG A 322 -11.50 -7.28 16.65
C ARG A 322 -12.13 -7.54 18.02
N GLU A 323 -12.60 -6.49 18.67
CA GLU A 323 -13.23 -6.66 19.99
C GLU A 323 -14.50 -7.51 19.86
N GLY A 324 -15.19 -7.38 18.74
CA GLY A 324 -16.40 -8.16 18.51
C GLY A 324 -16.05 -9.63 18.41
N LEU A 325 -14.94 -9.95 17.74
CA LEU A 325 -14.52 -11.34 17.60
C LEU A 325 -14.16 -11.91 18.97
N ILE A 326 -13.44 -11.12 19.76
CA ILE A 326 -13.03 -11.54 21.10
C ILE A 326 -14.25 -11.84 21.98
N ALA A 327 -15.20 -10.91 21.99
CA ALA A 327 -16.41 -11.09 22.79
C ALA A 327 -17.20 -12.32 22.36
N ALA A 328 -17.33 -12.51 21.05
CA ALA A 328 -18.05 -13.65 20.51
C ALA A 328 -17.38 -14.96 20.90
N GLU A 329 -16.04 -14.99 20.79
CA GLU A 329 -15.30 -16.18 21.13
C GLU A 329 -15.43 -16.53 22.61
N ASN A 330 -15.41 -15.53 23.48
CA ASN A 330 -15.56 -15.78 24.90
C ASN A 330 -16.99 -16.18 25.23
N ALA A 331 -17.96 -15.65 24.48
CA ALA A 331 -19.35 -16.00 24.71
C ALA A 331 -19.53 -17.46 24.31
N ALA A 332 -18.71 -17.92 23.37
CA ALA A 332 -18.78 -19.29 22.88
C ALA A 332 -18.00 -20.26 23.76
N GLY A 333 -17.41 -19.75 24.84
CA GLY A 333 -16.68 -20.60 25.75
C GLY A 333 -15.16 -20.62 25.61
N LYS A 334 -14.64 -19.97 24.58
CA LYS A 334 -13.19 -19.95 24.38
C LYS A 334 -12.53 -18.98 25.34
N ASP A 335 -11.21 -18.80 25.18
CA ASP A 335 -10.47 -17.88 26.04
C ASP A 335 -9.64 -16.95 25.15
N SER A 336 -10.24 -15.82 24.80
CA SER A 336 -9.59 -14.83 23.96
C SER A 336 -9.43 -13.52 24.73
N ALA A 337 -8.47 -12.72 24.34
CA ALA A 337 -8.24 -11.45 25.02
C ALA A 337 -7.63 -10.45 24.05
N PHE A 338 -7.93 -9.17 24.26
CA PHE A 338 -7.41 -8.12 23.41
C PHE A 338 -6.07 -7.62 23.93
N ASP A 339 -5.02 -7.93 23.19
CA ASP A 339 -3.67 -7.51 23.56
C ASP A 339 -2.95 -7.29 22.24
N TYR A 340 -3.48 -6.38 21.44
CA TYR A 340 -2.92 -6.10 20.13
C TYR A 340 -2.52 -4.65 19.91
N GLN A 341 -1.62 -4.45 18.96
CA GLN A 341 -1.18 -3.11 18.60
C GLN A 341 -2.28 -2.59 17.69
N VAL A 342 -2.74 -1.37 17.92
CA VAL A 342 -3.80 -0.83 17.09
C VAL A 342 -3.29 0.34 16.27
N PRO A 343 -3.24 0.18 14.94
CA PRO A 343 -2.76 1.27 14.10
C PRO A 343 -3.88 2.29 13.91
N SER A 344 -3.52 3.49 13.47
CA SER A 344 -4.49 4.54 13.21
C SER A 344 -4.10 5.20 11.91
N VAL A 345 -5.10 5.57 11.11
CA VAL A 345 -4.87 6.18 9.82
C VAL A 345 -5.77 7.40 9.59
N VAL A 346 -5.21 8.39 8.90
CA VAL A 346 -5.94 9.59 8.51
C VAL A 346 -5.85 9.53 6.99
N TYR A 347 -7.00 9.54 6.32
CA TYR A 347 -7.05 9.38 4.87
C TYR A 347 -6.96 10.63 4.01
N THR A 348 -6.33 11.66 4.57
CA THR A 348 -6.08 12.90 3.87
C THR A 348 -5.01 12.56 2.83
N SER A 349 -4.63 13.56 2.03
CA SER A 349 -3.57 13.44 1.04
C SER A 349 -2.61 14.56 1.33
N PRO A 350 -1.40 14.25 1.82
CA PRO A 350 -0.89 12.90 2.11
C PRO A 350 -1.61 12.24 3.28
N GLU A 351 -1.53 10.91 3.34
CA GLU A 351 -2.15 10.16 4.44
C GLU A 351 -1.19 10.17 5.62
N TRP A 352 -1.72 9.84 6.79
CA TRP A 352 -0.91 9.76 8.00
C TRP A 352 -1.27 8.43 8.63
N ALA A 353 -0.29 7.72 9.17
CA ALA A 353 -0.57 6.45 9.81
C ALA A 353 0.45 6.23 10.92
N GLY A 354 0.01 5.56 11.98
CA GLY A 354 0.90 5.30 13.09
C GLY A 354 0.52 4.06 13.86
N VAL A 355 1.51 3.44 14.49
CA VAL A 355 1.27 2.26 15.30
C VAL A 355 2.43 2.11 16.26
N GLY A 356 2.14 1.68 17.48
CA GLY A 356 3.21 1.54 18.45
C GLY A 356 3.42 2.79 19.28
N LEU A 357 4.62 2.92 19.83
CA LEU A 357 4.95 4.05 20.69
C LEU A 357 5.63 5.24 20.02
N THR A 358 5.26 6.44 20.46
CA THR A 358 5.84 7.67 19.96
C THR A 358 7.18 7.79 20.71
N GLU A 359 8.03 8.74 20.32
CA GLU A 359 9.30 8.90 21.02
C GLU A 359 9.06 9.18 22.50
N GLU A 360 8.11 10.07 22.79
CA GLU A 360 7.80 10.42 24.16
C GLU A 360 7.30 9.23 24.98
N GLU A 361 6.39 8.45 24.42
CA GLU A 361 5.86 7.29 25.13
C GLU A 361 6.93 6.22 25.35
N ALA A 362 7.81 6.05 24.37
CA ALA A 362 8.88 5.07 24.50
C ALA A 362 9.83 5.50 25.61
N LYS A 363 10.13 6.80 25.65
CA LYS A 363 11.00 7.35 26.67
C LYS A 363 10.43 7.17 28.06
N ARG A 364 9.12 7.39 28.20
CA ARG A 364 8.48 7.23 29.50
C ARG A 364 8.43 5.76 29.89
N ALA A 365 8.40 4.89 28.90
CA ALA A 365 8.36 3.44 29.12
C ALA A 365 9.72 2.94 29.62
N GLY A 366 10.75 3.76 29.51
CA GLY A 366 12.06 3.36 29.97
C GLY A 366 13.03 2.91 28.90
N TYR A 367 12.56 2.84 27.64
CA TYR A 367 13.43 2.41 26.56
C TYR A 367 14.49 3.48 26.25
N LYS A 368 15.59 3.04 25.64
CA LYS A 368 16.65 3.95 25.24
C LYS A 368 16.28 4.30 23.80
N VAL A 369 15.49 5.35 23.65
CA VAL A 369 14.98 5.78 22.35
C VAL A 369 15.99 6.21 21.30
N LYS A 370 15.83 5.63 20.12
CA LYS A 370 16.65 5.94 18.95
C LYS A 370 15.70 5.92 17.77
N VAL A 371 15.94 6.77 16.78
CA VAL A 371 15.05 6.82 15.63
C VAL A 371 15.74 6.81 14.28
N GLY A 372 15.00 6.38 13.27
CA GLY A 372 15.48 6.34 11.90
C GLY A 372 14.45 7.06 11.06
N LYS A 373 14.90 7.92 10.15
CA LYS A 373 13.99 8.67 9.30
C LYS A 373 14.37 8.59 7.83
N PHE A 374 13.36 8.52 6.96
CA PHE A 374 13.58 8.48 5.52
C PHE A 374 12.57 9.40 4.85
N PRO A 375 13.06 10.42 4.11
CA PRO A 375 12.23 11.39 3.39
C PRO A 375 11.74 10.85 2.05
N LEU A 376 10.48 11.06 1.74
CA LEU A 376 9.94 10.56 0.47
C LEU A 376 10.57 11.30 -0.71
N ALA A 377 11.27 12.39 -0.42
CA ALA A 377 11.94 13.16 -1.47
C ALA A 377 13.03 12.28 -2.08
N ALA A 378 13.46 11.27 -1.32
CA ALA A 378 14.49 10.35 -1.78
C ALA A 378 13.91 9.05 -2.32
N SER A 379 12.59 9.01 -2.48
CA SER A 379 11.91 7.81 -2.99
C SER A 379 11.68 7.85 -4.50
N GLY A 380 12.24 6.89 -5.22
CA GLY A 380 12.05 6.85 -6.65
C GLY A 380 10.58 6.65 -6.99
N ARG A 381 9.93 5.75 -6.27
CA ARG A 381 8.51 5.49 -6.53
C ARG A 381 7.68 6.75 -6.34
N ALA A 382 7.95 7.49 -5.27
CA ALA A 382 7.19 8.71 -5.00
C ALA A 382 7.27 9.67 -6.18
N LEU A 383 8.44 9.74 -6.81
CA LEU A 383 8.62 10.63 -7.95
C LEU A 383 7.82 10.15 -9.17
N THR A 384 7.76 8.84 -9.39
CA THR A 384 7.02 8.32 -10.53
C THR A 384 5.51 8.48 -10.36
N LEU A 385 5.09 8.81 -9.14
CA LEU A 385 3.67 9.03 -8.85
C LEU A 385 3.38 10.53 -8.84
N GLY A 386 4.34 11.32 -9.31
CA GLY A 386 4.18 12.76 -9.32
C GLY A 386 4.66 13.30 -7.99
N GLY A 387 3.80 14.04 -7.29
CA GLY A 387 4.18 14.58 -6.01
C GLY A 387 4.87 13.54 -5.15
N ALA A 388 5.90 13.95 -4.40
CA ALA A 388 6.64 13.03 -3.55
C ALA A 388 6.99 13.69 -2.22
N GLU A 389 5.98 13.95 -1.40
CA GLU A 389 6.22 14.60 -0.11
C GLU A 389 5.76 13.75 1.07
N GLY A 390 6.63 13.66 2.09
CA GLY A 390 6.31 12.88 3.26
C GLY A 390 7.54 12.27 3.89
N MET A 391 7.34 11.40 4.88
CA MET A 391 8.46 10.76 5.55
C MET A 391 8.02 9.56 6.36
N VAL A 392 8.96 8.68 6.64
CA VAL A 392 8.71 7.50 7.46
C VAL A 392 9.67 7.61 8.65
N LYS A 393 9.16 7.41 9.85
CA LYS A 393 10.00 7.44 11.03
C LYS A 393 9.80 6.16 11.81
N VAL A 394 10.90 5.52 12.18
CA VAL A 394 10.83 4.31 12.96
C VAL A 394 11.42 4.63 14.33
N VAL A 395 10.77 4.14 15.38
CA VAL A 395 11.21 4.36 16.75
C VAL A 395 11.64 3.01 17.31
N GLY A 396 12.84 2.96 17.90
CA GLY A 396 13.30 1.71 18.44
C GLY A 396 14.17 1.88 19.68
N ASP A 397 14.56 0.74 20.27
CA ASP A 397 15.41 0.75 21.45
C ASP A 397 16.84 0.51 21.00
N GLU A 398 17.74 1.39 21.41
CA GLU A 398 19.15 1.30 21.04
C GLU A 398 19.86 0.06 21.57
N GLU A 399 19.59 -0.28 22.83
CA GLU A 399 20.22 -1.45 23.45
C GLU A 399 19.80 -2.81 22.88
N THR A 400 18.50 -2.98 22.65
CA THR A 400 17.99 -4.25 22.16
C THR A 400 17.65 -4.30 20.68
N ASP A 401 17.60 -3.13 20.03
CA ASP A 401 17.28 -3.04 18.61
C ASP A 401 15.80 -3.34 18.33
N LEU A 402 15.00 -3.41 19.39
CA LEU A 402 13.58 -3.70 19.24
C LEU A 402 12.80 -2.54 18.61
N LEU A 403 11.93 -2.86 17.65
CA LEU A 403 11.11 -1.84 16.99
C LEU A 403 10.02 -1.48 18.00
N LEU A 404 9.80 -0.18 18.20
CA LEU A 404 8.81 0.27 19.16
C LEU A 404 7.61 0.95 18.54
N GLY A 405 7.84 1.66 17.43
CA GLY A 405 6.73 2.34 16.77
C GLY A 405 7.13 2.81 15.39
N VAL A 406 6.12 3.06 14.56
CA VAL A 406 6.34 3.51 13.20
C VAL A 406 5.28 4.55 12.84
N PHE A 407 5.73 5.66 12.26
CA PHE A 407 4.83 6.73 11.88
C PHE A 407 5.14 7.12 10.44
N ILE A 408 4.08 7.27 9.66
CA ILE A 408 4.23 7.56 8.25
C ILE A 408 3.32 8.68 7.77
N VAL A 409 3.88 9.58 6.98
CA VAL A 409 3.09 10.65 6.37
C VAL A 409 3.47 10.63 4.89
N GLY A 410 2.47 10.46 4.04
CA GLY A 410 2.72 10.40 2.61
C GLY A 410 1.66 9.56 1.92
N PRO A 411 1.77 9.36 0.60
CA PRO A 411 0.78 8.56 -0.12
C PRO A 411 0.76 7.11 0.38
N GLN A 412 -0.44 6.54 0.45
CA GLN A 412 -0.63 5.16 0.87
C GLN A 412 -0.12 4.82 2.27
N ALA A 413 0.03 5.81 3.13
CA ALA A 413 0.52 5.55 4.49
C ALA A 413 -0.33 4.49 5.18
N GLY A 414 -1.64 4.56 4.99
CA GLY A 414 -2.54 3.61 5.61
C GLY A 414 -2.37 2.16 5.16
N GLU A 415 -1.86 1.97 3.95
CA GLU A 415 -1.65 0.62 3.44
C GLU A 415 -0.31 0.07 3.89
N LEU A 416 0.64 0.97 4.18
CA LEU A 416 1.97 0.56 4.60
C LEU A 416 2.09 0.27 6.09
N ILE A 417 1.19 0.83 6.89
CA ILE A 417 1.27 0.65 8.33
C ILE A 417 1.00 -0.77 8.81
N ALA A 418 0.29 -1.57 8.02
CA ALA A 418 0.02 -2.96 8.42
C ALA A 418 1.34 -3.74 8.55
N GLU A 419 2.31 -3.42 7.70
CA GLU A 419 3.60 -4.10 7.77
C GLU A 419 4.22 -3.79 9.13
N ALA A 420 4.09 -2.55 9.57
CA ALA A 420 4.64 -2.13 10.86
C ALA A 420 3.91 -2.83 11.99
N ALA A 421 2.59 -2.94 11.88
CA ALA A 421 1.78 -3.61 12.90
C ALA A 421 2.21 -5.07 13.03
N LEU A 422 2.39 -5.73 11.89
CA LEU A 422 2.83 -7.12 11.91
C LEU A 422 4.19 -7.23 12.57
N ALA A 423 5.08 -6.30 12.22
CA ALA A 423 6.43 -6.29 12.77
C ALA A 423 6.37 -6.25 14.30
N LEU A 424 5.57 -5.34 14.83
CA LEU A 424 5.43 -5.21 16.27
C LEU A 424 4.85 -6.48 16.91
N GLU A 425 3.84 -7.06 16.27
CA GLU A 425 3.23 -8.27 16.81
C GLU A 425 4.22 -9.44 16.84
N MET A 426 5.14 -9.45 15.89
CA MET A 426 6.14 -10.51 15.79
C MET A 426 7.40 -10.23 16.61
N GLY A 427 7.43 -9.09 17.28
CA GLY A 427 8.59 -8.75 18.09
C GLY A 427 9.82 -8.46 17.24
N ALA A 428 9.59 -7.88 16.06
CA ALA A 428 10.68 -7.56 15.14
C ALA A 428 11.65 -6.50 15.65
N THR A 429 12.90 -6.61 15.22
CA THR A 429 13.93 -5.64 15.57
C THR A 429 14.08 -4.75 14.33
N LEU A 430 14.81 -3.67 14.45
CA LEU A 430 15.03 -2.80 13.30
C LEU A 430 15.79 -3.59 12.25
N THR A 431 16.63 -4.52 12.69
CA THR A 431 17.39 -5.35 11.77
C THR A 431 16.44 -6.22 10.94
N ASP A 432 15.42 -6.78 11.59
CA ASP A 432 14.45 -7.62 10.88
C ASP A 432 13.76 -6.84 9.76
N LEU A 433 13.37 -5.61 10.09
CA LEU A 433 12.69 -4.76 9.13
C LEU A 433 13.60 -4.42 7.95
N ALA A 434 14.86 -4.11 8.24
CA ALA A 434 15.82 -3.77 7.20
C ALA A 434 16.18 -4.97 6.32
N LEU A 435 16.22 -6.16 6.92
CA LEU A 435 16.59 -7.38 6.20
C LEU A 435 15.52 -7.88 5.24
N THR A 436 14.27 -7.47 5.45
CA THR A 436 13.22 -7.90 4.55
C THR A 436 13.44 -7.18 3.22
N VAL A 437 13.48 -7.95 2.13
CA VAL A 437 13.69 -7.36 0.81
C VAL A 437 12.37 -6.82 0.28
N HIS A 438 12.21 -5.50 0.36
CA HIS A 438 11.00 -4.84 -0.12
C HIS A 438 11.14 -4.66 -1.63
N PRO A 439 10.03 -4.77 -2.37
CA PRO A 439 10.12 -4.60 -3.83
C PRO A 439 10.55 -3.19 -4.21
N HIS A 440 11.29 -3.08 -5.31
CA HIS A 440 11.74 -1.79 -5.82
C HIS A 440 11.20 -1.62 -7.24
N PRO A 441 10.59 -0.47 -7.55
CA PRO A 441 10.37 0.67 -6.68
C PRO A 441 8.98 0.68 -6.05
N THR A 442 8.91 0.82 -4.73
CA THR A 442 7.63 0.90 -4.03
C THR A 442 7.76 1.89 -2.90
N LEU A 443 6.62 2.39 -2.42
CA LEU A 443 6.64 3.31 -1.31
C LEU A 443 7.03 2.53 -0.05
N SER A 444 6.71 1.24 -0.02
CA SER A 444 7.02 0.40 1.15
C SER A 444 8.51 0.37 1.45
N GLU A 445 9.33 0.59 0.43
CA GLU A 445 10.78 0.61 0.61
C GLU A 445 11.22 1.63 1.66
N SER A 446 10.43 2.67 1.84
CA SER A 446 10.76 3.70 2.82
C SER A 446 10.85 3.15 4.24
N LEU A 447 10.10 2.10 4.54
CA LEU A 447 10.17 1.52 5.88
C LEU A 447 11.51 0.82 6.02
N MET A 448 11.90 0.09 4.99
CA MET A 448 13.16 -0.63 4.98
C MET A 448 14.31 0.37 5.11
N GLU A 449 14.25 1.46 4.35
CA GLU A 449 15.31 2.45 4.39
C GLU A 449 15.35 3.24 5.70
N ALA A 450 14.19 3.46 6.31
CA ALA A 450 14.15 4.16 7.59
C ALA A 450 14.87 3.29 8.62
N ALA A 451 14.70 1.98 8.50
CA ALA A 451 15.36 1.04 9.42
C ALA A 451 16.88 1.09 9.19
N GLU A 452 17.29 1.21 7.93
CA GLU A 452 18.71 1.30 7.61
C GLU A 452 19.25 2.61 8.18
N ALA A 453 18.45 3.67 8.07
CA ALA A 453 18.84 4.99 8.58
C ALA A 453 19.02 4.92 10.09
N PHE A 454 18.20 4.11 10.75
CA PHE A 454 18.27 3.92 12.19
C PHE A 454 19.68 3.41 12.53
N HIS A 455 20.20 2.56 11.65
CA HIS A 455 21.54 1.98 11.83
C HIS A 455 22.63 2.79 11.13
N LYS A 456 22.26 3.99 10.70
CA LYS A 456 23.19 4.91 10.05
C LYS A 456 23.84 4.37 8.78
N GLN A 457 23.11 3.54 8.03
CA GLN A 457 23.66 3.01 6.78
C GLN A 457 22.67 2.99 5.62
N ALA A 458 21.74 3.94 5.62
CA ALA A 458 20.77 4.04 4.53
C ALA A 458 21.59 4.33 3.27
N ILE A 459 21.14 3.82 2.13
CA ILE A 459 21.87 4.02 0.88
C ILE A 459 21.46 5.26 0.09
N HIS A 460 20.16 5.54 0.06
CA HIS A 460 19.64 6.66 -0.71
C HIS A 460 19.69 8.04 -0.06
N ILE A 461 20.30 8.12 1.11
CA ILE A 461 20.46 9.40 1.80
C ILE A 461 21.79 9.34 2.52
N LEU A 462 22.39 10.50 2.78
CA LEU A 462 23.65 10.52 3.51
C LEU A 462 23.33 10.32 4.99
N ASN A 463 24.16 9.57 5.69
CA ASN A 463 23.93 9.29 7.10
C ASN A 463 24.84 10.15 7.99
N MET B 4 49.29 2.40 -12.96
CA MET B 4 48.00 1.76 -12.54
C MET B 4 47.52 2.30 -11.20
N LYS B 5 46.28 2.78 -11.16
CA LYS B 5 45.71 3.30 -9.93
C LYS B 5 45.14 2.13 -9.14
N THR B 6 45.33 2.14 -7.83
CA THR B 6 44.83 1.07 -6.99
C THR B 6 43.75 1.53 -6.01
N TYR B 7 42.83 0.63 -5.71
CA TYR B 7 41.74 0.91 -4.79
C TYR B 7 41.51 -0.32 -3.93
N ASP B 8 40.61 -0.19 -2.96
CA ASP B 8 40.28 -1.31 -2.10
C ASP B 8 39.25 -2.15 -2.85
N LEU B 9 38.44 -1.48 -3.67
CA LEU B 9 37.40 -2.14 -4.43
C LEU B 9 37.07 -1.44 -5.73
N ILE B 10 36.84 -2.22 -6.78
CA ILE B 10 36.43 -1.67 -8.07
C ILE B 10 35.08 -2.31 -8.37
N VAL B 11 34.08 -1.48 -8.61
CA VAL B 11 32.73 -1.96 -8.94
C VAL B 11 32.50 -1.63 -10.41
N ILE B 12 32.14 -2.64 -11.20
CA ILE B 12 31.88 -2.39 -12.61
C ILE B 12 30.37 -2.37 -12.80
N GLY B 13 29.84 -1.18 -13.06
CA GLY B 13 28.41 -0.99 -13.26
C GLY B 13 27.81 -0.17 -12.13
N THR B 14 26.95 0.79 -12.47
CA THR B 14 26.32 1.62 -11.45
C THR B 14 24.79 1.53 -11.46
N GLY B 15 24.27 0.35 -11.77
CA GLY B 15 22.85 0.16 -11.72
C GLY B 15 22.51 -0.13 -10.27
N PRO B 16 21.26 -0.49 -9.95
CA PRO B 16 20.85 -0.79 -8.58
C PRO B 16 21.87 -1.60 -7.78
N GLY B 17 22.37 -2.68 -8.36
CA GLY B 17 23.34 -3.50 -7.67
C GLY B 17 24.66 -2.79 -7.47
N GLY B 18 25.23 -2.30 -8.56
CA GLY B 18 26.51 -1.61 -8.50
C GLY B 18 26.59 -0.40 -7.58
N TYR B 19 25.61 0.50 -7.65
CA TYR B 19 25.71 1.66 -6.77
C TYR B 19 25.44 1.31 -5.32
N HIS B 20 24.69 0.25 -5.06
CA HIS B 20 24.47 -0.17 -3.67
C HIS B 20 25.76 -0.73 -3.12
N ALA B 21 26.47 -1.52 -3.93
CA ALA B 21 27.73 -2.11 -3.51
C ALA B 21 28.76 -1.01 -3.24
N ALA B 22 28.86 -0.06 -4.16
CA ALA B 22 29.82 1.03 -4.02
C ALA B 22 29.57 1.85 -2.76
N ILE B 23 28.34 2.23 -2.53
CA ILE B 23 28.01 3.03 -1.36
C ILE B 23 28.19 2.28 -0.04
N ARG B 24 27.72 1.03 0.04
CA ARG B 24 27.87 0.25 1.27
C ARG B 24 29.36 0.03 1.56
N ALA B 25 30.15 -0.22 0.52
CA ALA B 25 31.59 -0.43 0.70
C ALA B 25 32.23 0.85 1.24
N ALA B 26 31.79 1.99 0.71
CA ALA B 26 32.32 3.28 1.15
C ALA B 26 31.96 3.53 2.61
N GLN B 27 30.73 3.19 2.99
CA GLN B 27 30.29 3.38 4.37
C GLN B 27 31.16 2.55 5.32
N LEU B 28 31.66 1.43 4.80
CA LEU B 28 32.49 0.55 5.61
C LEU B 28 33.97 0.92 5.58
N GLY B 29 34.27 2.10 5.02
CA GLY B 29 35.64 2.58 4.99
C GLY B 29 36.53 2.23 3.81
N LEU B 30 35.98 1.61 2.77
CA LEU B 30 36.80 1.25 1.63
C LEU B 30 36.94 2.37 0.61
N LYS B 31 38.07 2.40 -0.09
CA LYS B 31 38.33 3.36 -1.15
C LYS B 31 37.79 2.65 -2.37
N VAL B 32 36.72 3.20 -2.96
CA VAL B 32 36.06 2.58 -4.09
C VAL B 32 36.11 3.32 -5.43
N LEU B 33 36.20 2.54 -6.50
CA LEU B 33 36.19 3.07 -7.85
C LEU B 33 34.98 2.41 -8.51
N ALA B 34 34.08 3.21 -9.07
CA ALA B 34 32.91 2.67 -9.75
C ALA B 34 33.07 3.03 -11.22
N VAL B 35 32.91 2.04 -12.10
CA VAL B 35 33.05 2.31 -13.53
C VAL B 35 31.69 2.15 -14.21
N GLU B 36 31.34 3.12 -15.06
CA GLU B 36 30.05 3.08 -15.76
C GLU B 36 30.23 3.44 -17.23
N ALA B 37 29.81 2.53 -18.12
CA ALA B 37 29.95 2.74 -19.56
C ALA B 37 28.87 3.61 -20.18
N GLY B 38 27.74 3.72 -19.50
CA GLY B 38 26.65 4.53 -20.03
C GLY B 38 26.13 5.51 -18.99
N GLU B 39 24.82 5.50 -18.77
CA GLU B 39 24.22 6.39 -17.80
C GLU B 39 24.26 5.82 -16.39
N VAL B 40 24.59 6.68 -15.43
CA VAL B 40 24.63 6.28 -14.03
C VAL B 40 23.22 5.83 -13.65
N GLY B 41 23.10 4.76 -12.87
CA GLY B 41 21.78 4.30 -12.47
C GLY B 41 21.34 3.01 -13.15
N GLY B 42 22.04 2.62 -14.21
CA GLY B 42 21.71 1.39 -14.90
C GLY B 42 20.37 1.33 -15.61
N VAL B 43 19.91 0.10 -15.88
CA VAL B 43 18.65 -0.10 -16.58
C VAL B 43 17.43 0.36 -15.80
N CYS B 44 17.32 -0.04 -14.55
CA CYS B 44 16.17 0.33 -13.72
C CYS B 44 15.88 1.82 -13.72
N LEU B 45 16.90 2.64 -13.48
CA LEU B 45 16.68 4.09 -13.43
C LEU B 45 16.53 4.78 -14.79
N ASN B 46 17.24 4.27 -15.80
CA ASN B 46 17.22 4.90 -17.12
C ASN B 46 16.23 4.39 -18.17
N VAL B 47 16.15 3.07 -18.34
CA VAL B 47 15.26 2.53 -19.35
C VAL B 47 14.43 1.36 -18.86
N GLY B 48 14.27 1.26 -17.54
CA GLY B 48 13.51 0.16 -16.98
C GLY B 48 12.43 0.55 -16.01
N CYS B 49 12.62 0.14 -14.76
CA CYS B 49 11.67 0.41 -13.68
C CYS B 49 11.05 1.79 -13.69
N ILE B 50 11.91 2.79 -13.52
CA ILE B 50 11.48 4.18 -13.42
C ILE B 50 10.68 4.73 -14.60
N PRO B 51 11.25 4.74 -15.82
CA PRO B 51 10.43 5.29 -16.90
C PRO B 51 9.13 4.51 -17.14
N THR B 52 9.17 3.20 -16.96
CA THR B 52 7.99 2.39 -17.16
C THR B 52 6.92 2.69 -16.09
N LYS B 53 7.32 2.81 -14.84
CA LYS B 53 6.36 3.11 -13.78
C LYS B 53 5.77 4.51 -14.01
N ALA B 54 6.58 5.43 -14.53
CA ALA B 54 6.10 6.78 -14.80
C ALA B 54 5.00 6.74 -15.87
N LEU B 55 5.25 6.00 -16.95
CA LEU B 55 4.25 5.91 -18.01
C LEU B 55 2.98 5.22 -17.51
N LEU B 56 3.16 4.18 -16.70
CA LEU B 56 2.02 3.47 -16.14
C LEU B 56 1.17 4.37 -15.26
N HIS B 57 1.82 5.26 -14.51
CA HIS B 57 1.07 6.16 -13.65
C HIS B 57 0.25 7.15 -14.46
N ALA B 58 0.84 7.69 -15.52
CA ALA B 58 0.12 8.63 -16.37
C ALA B 58 -1.05 7.92 -17.04
N ALA B 59 -0.82 6.69 -17.48
CA ALA B 59 -1.85 5.89 -18.13
C ALA B 59 -3.01 5.55 -17.20
N GLU B 60 -2.69 5.23 -15.94
CA GLU B 60 -3.71 4.89 -14.96
C GLU B 60 -4.51 6.13 -14.59
N THR B 61 -3.84 7.28 -14.55
CA THR B 61 -4.51 8.53 -14.22
C THR B 61 -5.52 8.84 -15.32
N LEU B 62 -5.12 8.58 -16.56
CA LEU B 62 -6.01 8.83 -17.69
C LEU B 62 -7.17 7.84 -17.66
N HIS B 63 -6.85 6.57 -17.47
CA HIS B 63 -7.85 5.52 -17.44
C HIS B 63 -8.90 5.70 -16.34
N HIS B 64 -8.45 6.03 -15.14
CA HIS B 64 -9.37 6.20 -14.03
C HIS B 64 -10.39 7.31 -14.24
N LEU B 65 -10.09 8.26 -15.12
CA LEU B 65 -11.01 9.36 -15.38
C LEU B 65 -12.32 8.84 -15.96
N LYS B 66 -12.27 7.70 -16.64
CA LYS B 66 -13.48 7.12 -17.22
C LYS B 66 -14.31 6.54 -16.09
N VAL B 67 -13.64 5.96 -15.11
CA VAL B 67 -14.33 5.39 -13.94
C VAL B 67 -14.94 6.55 -13.16
N ALA B 68 -14.19 7.63 -13.05
CA ALA B 68 -14.59 8.82 -12.31
C ALA B 68 -15.88 9.45 -12.80
N GLU B 69 -16.23 9.22 -14.07
CA GLU B 69 -17.47 9.78 -14.59
C GLU B 69 -18.61 9.25 -13.74
N GLY B 70 -18.38 8.08 -13.15
CA GLY B 70 -19.38 7.45 -12.31
C GLY B 70 -19.71 8.25 -11.06
N PHE B 71 -18.77 9.06 -10.59
CA PHE B 71 -19.07 9.86 -9.41
C PHE B 71 -19.14 11.37 -9.66
N GLY B 72 -19.60 11.72 -10.86
CA GLY B 72 -19.77 13.12 -11.21
C GLY B 72 -18.62 13.87 -11.83
N LEU B 73 -17.46 13.23 -11.98
CA LEU B 73 -16.32 13.92 -12.57
C LEU B 73 -16.31 13.74 -14.08
N LYS B 74 -16.76 14.77 -14.79
CA LYS B 74 -16.80 14.73 -16.24
C LYS B 74 -15.60 15.49 -16.75
N ALA B 75 -14.88 14.89 -17.68
CA ALA B 75 -13.69 15.52 -18.23
C ALA B 75 -13.49 15.13 -19.67
N LYS B 76 -12.81 16.00 -20.41
CA LYS B 76 -12.48 15.75 -21.81
C LYS B 76 -10.97 15.78 -21.82
N PRO B 77 -10.33 14.78 -21.20
CA PRO B 77 -8.88 14.66 -21.12
C PRO B 77 -8.14 14.64 -22.45
N GLU B 78 -7.07 15.43 -22.53
CA GLU B 78 -6.24 15.53 -23.71
C GLU B 78 -4.81 15.25 -23.25
N LEU B 79 -4.26 14.12 -23.68
CA LEU B 79 -2.91 13.75 -23.28
C LEU B 79 -1.87 14.13 -24.32
N ASP B 80 -0.95 15.01 -23.93
CA ASP B 80 0.13 15.47 -24.79
C ASP B 80 1.30 14.50 -24.62
N LEU B 81 1.50 13.62 -25.59
CA LEU B 81 2.57 12.63 -25.51
C LEU B 81 3.97 13.27 -25.42
N LYS B 82 4.17 14.40 -26.10
CA LYS B 82 5.47 15.06 -26.04
C LYS B 82 5.75 15.49 -24.61
N LYS B 83 4.73 16.04 -23.95
CA LYS B 83 4.87 16.49 -22.57
C LYS B 83 5.09 15.30 -21.65
N LEU B 84 4.38 14.21 -21.92
CA LEU B 84 4.52 13.00 -21.13
C LEU B 84 5.95 12.50 -21.21
N GLY B 85 6.47 12.45 -22.44
CA GLY B 85 7.85 12.01 -22.64
C GLY B 85 8.81 12.93 -21.92
N GLY B 86 8.52 14.22 -21.94
CA GLY B 86 9.37 15.18 -21.26
C GLY B 86 9.42 14.95 -19.76
N TRP B 87 8.25 14.66 -19.18
CA TRP B 87 8.19 14.41 -17.74
C TRP B 87 8.95 13.14 -17.40
N ARG B 88 8.77 12.11 -18.23
CA ARG B 88 9.45 10.83 -18.03
C ARG B 88 10.96 11.09 -17.98
N ASP B 89 11.45 11.87 -18.94
CA ASP B 89 12.88 12.18 -19.00
C ASP B 89 13.33 12.95 -17.76
N GLN B 90 12.49 13.85 -17.27
CA GLN B 90 12.81 14.64 -16.09
C GLN B 90 12.94 13.74 -14.86
N VAL B 91 12.02 12.79 -14.73
CA VAL B 91 12.05 11.88 -13.59
C VAL B 91 13.36 11.10 -13.61
N VAL B 92 13.69 10.55 -14.77
CA VAL B 92 14.92 9.79 -14.94
C VAL B 92 16.15 10.63 -14.59
N LYS B 93 16.22 11.84 -15.13
CA LYS B 93 17.35 12.71 -14.87
C LYS B 93 17.53 13.03 -13.38
N LYS B 94 16.42 13.30 -12.70
CA LYS B 94 16.48 13.62 -11.28
C LYS B 94 17.04 12.45 -10.49
N LEU B 95 16.58 11.26 -10.82
CA LEU B 95 17.02 10.06 -10.11
C LEU B 95 18.47 9.65 -10.41
N THR B 96 18.90 9.73 -11.67
CA THR B 96 20.27 9.36 -11.98
C THR B 96 21.22 10.43 -11.45
N GLY B 97 20.77 11.68 -11.46
CA GLY B 97 21.59 12.74 -10.93
C GLY B 97 21.75 12.52 -9.44
N GLY B 98 20.66 12.08 -8.81
CA GLY B 98 20.68 11.82 -7.38
C GLY B 98 21.68 10.75 -7.00
N VAL B 99 21.76 9.70 -7.82
CA VAL B 99 22.71 8.62 -7.53
C VAL B 99 24.13 9.12 -7.68
N GLY B 100 24.36 9.94 -8.69
CA GLY B 100 25.69 10.49 -8.90
C GLY B 100 26.10 11.31 -7.70
N THR B 101 25.17 12.10 -7.17
CA THR B 101 25.44 12.93 -6.00
C THR B 101 25.71 12.04 -4.79
N LEU B 102 25.00 10.92 -4.70
CA LEU B 102 25.17 9.98 -3.61
C LEU B 102 26.56 9.35 -3.66
N LEU B 103 26.98 8.93 -4.86
CA LEU B 103 28.30 8.32 -5.01
C LEU B 103 29.39 9.31 -4.59
N LYS B 104 29.29 10.54 -5.10
CA LYS B 104 30.27 11.57 -4.79
C LYS B 104 30.29 11.88 -3.29
N GLY B 105 29.10 12.05 -2.71
CA GLY B 105 29.00 12.35 -1.29
C GLY B 105 29.53 11.25 -0.39
N ASN B 106 29.63 10.03 -0.93
CA ASN B 106 30.16 8.91 -0.17
C ASN B 106 31.64 8.68 -0.42
N GLY B 107 32.23 9.53 -1.24
CA GLY B 107 33.65 9.41 -1.53
C GLY B 107 34.01 8.39 -2.60
N VAL B 108 33.01 7.92 -3.34
CA VAL B 108 33.25 6.95 -4.41
C VAL B 108 33.72 7.67 -5.66
N GLU B 109 34.79 7.16 -6.26
CA GLU B 109 35.33 7.76 -7.49
C GLU B 109 34.57 7.15 -8.67
N LEU B 110 34.07 8.01 -9.55
CA LEU B 110 33.31 7.54 -10.71
C LEU B 110 34.08 7.71 -12.02
N LEU B 111 34.30 6.60 -12.71
CA LEU B 111 35.02 6.60 -13.98
C LEU B 111 34.07 6.21 -15.11
N ARG B 112 34.01 7.04 -16.14
CA ARG B 112 33.13 6.75 -17.27
C ARG B 112 33.91 6.04 -18.37
N GLY B 113 33.45 4.85 -18.72
CA GLY B 113 34.10 4.06 -19.76
C GLY B 113 33.67 2.60 -19.65
N PHE B 114 34.07 1.79 -20.62
CA PHE B 114 33.73 0.37 -20.62
C PHE B 114 34.89 -0.41 -20.02
N ALA B 115 34.64 -1.06 -18.88
CA ALA B 115 35.68 -1.83 -18.22
C ALA B 115 35.76 -3.27 -18.71
N ARG B 116 36.98 -3.79 -18.81
CA ARG B 116 37.21 -5.17 -19.20
C ARG B 116 38.32 -5.69 -18.31
N LEU B 117 38.14 -6.87 -17.73
CA LEU B 117 39.18 -7.43 -16.89
C LEU B 117 40.34 -7.90 -17.76
N VAL B 118 41.56 -7.81 -17.22
CA VAL B 118 42.74 -8.29 -17.95
C VAL B 118 43.43 -9.31 -17.06
N GLY B 119 42.91 -9.45 -15.84
CA GLY B 119 43.45 -10.39 -14.88
C GLY B 119 42.48 -10.53 -13.72
N PRO B 120 42.78 -11.39 -12.74
CA PRO B 120 41.91 -11.60 -11.59
C PRO B 120 41.56 -10.33 -10.82
N LYS B 121 42.52 -9.41 -10.70
CA LYS B 121 42.30 -8.17 -9.95
C LYS B 121 42.75 -6.91 -10.68
N GLU B 122 42.71 -6.95 -12.01
CA GLU B 122 43.11 -5.78 -12.79
C GLU B 122 42.11 -5.54 -13.91
N VAL B 123 41.68 -4.28 -14.02
CA VAL B 123 40.72 -3.87 -15.02
C VAL B 123 41.31 -2.84 -15.97
N GLU B 124 40.93 -2.93 -17.24
CA GLU B 124 41.41 -1.97 -18.23
C GLU B 124 40.23 -1.14 -18.70
N VAL B 125 40.40 0.19 -18.67
CA VAL B 125 39.36 1.10 -19.09
C VAL B 125 39.98 2.22 -19.92
N GLY B 126 39.56 2.34 -21.18
CA GLY B 126 40.11 3.37 -22.04
C GLY B 126 41.62 3.29 -22.18
N GLY B 127 42.15 2.08 -22.14
CA GLY B 127 43.59 1.89 -22.27
C GLY B 127 44.39 2.02 -20.99
N GLU B 128 43.74 2.46 -19.91
CA GLU B 128 44.40 2.62 -18.62
C GLU B 128 44.11 1.44 -17.71
N ARG B 129 45.03 1.15 -16.79
CA ARG B 129 44.87 0.03 -15.87
C ARG B 129 44.51 0.45 -14.45
N TYR B 130 43.62 -0.31 -13.83
CA TYR B 130 43.17 -0.04 -12.47
C TYR B 130 43.15 -1.36 -11.70
N GLY B 131 43.58 -1.34 -10.45
CA GLY B 131 43.61 -2.56 -9.66
C GLY B 131 42.99 -2.43 -8.28
N ALA B 132 42.57 -3.56 -7.72
CA ALA B 132 41.96 -3.59 -6.39
C ALA B 132 42.00 -5.02 -5.86
N LYS B 133 41.99 -5.19 -4.55
CA LYS B 133 42.04 -6.53 -3.98
C LYS B 133 40.68 -7.21 -4.13
N SER B 134 39.65 -6.41 -4.36
CA SER B 134 38.30 -6.94 -4.56
C SER B 134 37.64 -6.31 -5.77
N LEU B 135 36.87 -7.11 -6.51
CA LEU B 135 36.14 -6.62 -7.68
C LEU B 135 34.70 -7.09 -7.55
N ILE B 136 33.76 -6.22 -7.88
CA ILE B 136 32.34 -6.59 -7.86
C ILE B 136 31.82 -6.33 -9.26
N LEU B 137 31.37 -7.40 -9.91
CA LEU B 137 30.86 -7.34 -11.28
C LEU B 137 29.35 -7.16 -11.23
N ALA B 138 28.88 -6.01 -11.71
CA ALA B 138 27.46 -5.66 -11.70
C ALA B 138 27.07 -5.09 -13.05
N THR B 139 27.37 -5.84 -14.10
CA THR B 139 27.13 -5.40 -15.46
C THR B 139 25.72 -5.51 -16.02
N GLY B 140 24.81 -6.09 -15.24
CA GLY B 140 23.43 -6.19 -15.69
C GLY B 140 23.12 -7.08 -16.88
N SER B 141 22.03 -6.75 -17.57
CA SER B 141 21.59 -7.52 -18.72
C SER B 141 21.10 -6.61 -19.85
N GLU B 142 20.67 -7.22 -20.93
CA GLU B 142 20.18 -6.50 -22.11
C GLU B 142 19.00 -7.29 -22.69
N PRO B 143 18.19 -6.64 -23.54
CA PRO B 143 17.04 -7.35 -24.13
C PRO B 143 17.47 -8.60 -24.88
N LEU B 144 16.77 -9.70 -24.64
CA LEU B 144 17.06 -10.97 -25.31
C LEU B 144 16.45 -10.93 -26.71
N GLU B 145 17.23 -11.25 -27.73
CA GLU B 145 16.70 -11.25 -29.09
C GLU B 145 15.94 -12.55 -29.36
N LEU B 146 14.93 -12.46 -30.22
CA LEU B 146 14.11 -13.60 -30.57
C LEU B 146 14.32 -13.99 -32.02
N LYS B 147 14.52 -15.29 -32.26
CA LYS B 147 14.73 -15.80 -33.60
C LYS B 147 13.56 -15.40 -34.49
N GLY B 148 13.88 -14.87 -35.67
CA GLY B 148 12.85 -14.45 -36.61
C GLY B 148 12.39 -13.02 -36.43
N PHE B 149 12.79 -12.41 -35.31
CA PHE B 149 12.40 -11.03 -35.03
C PHE B 149 13.58 -10.17 -34.60
N PRO B 150 14.59 -10.02 -35.48
CA PRO B 150 15.75 -9.20 -35.13
C PRO B 150 15.32 -7.76 -34.85
N PHE B 151 15.92 -7.15 -33.83
CA PHE B 151 15.58 -5.78 -33.47
C PHE B 151 15.87 -4.84 -34.64
N GLY B 152 14.98 -3.87 -34.83
CA GLY B 152 15.13 -2.91 -35.91
C GLY B 152 14.05 -1.85 -35.82
N GLU B 153 13.85 -1.12 -36.91
CA GLU B 153 12.85 -0.07 -36.93
C GLU B 153 11.42 -0.54 -36.65
N ASP B 154 11.12 -1.78 -37.02
CA ASP B 154 9.78 -2.31 -36.80
C ASP B 154 9.67 -3.32 -35.67
N VAL B 155 10.80 -3.75 -35.13
CA VAL B 155 10.81 -4.70 -34.02
C VAL B 155 11.55 -4.03 -32.87
N TRP B 156 10.79 -3.56 -31.89
CA TRP B 156 11.35 -2.85 -30.75
C TRP B 156 11.70 -3.66 -29.52
N ASP B 157 12.60 -3.12 -28.73
CA ASP B 157 12.94 -3.74 -27.44
C ASP B 157 12.24 -2.80 -26.46
N SER B 158 12.28 -3.11 -25.17
CA SER B 158 11.60 -2.26 -24.20
C SER B 158 12.06 -0.81 -24.18
N THR B 159 13.33 -0.59 -24.48
CA THR B 159 13.87 0.77 -24.49
C THR B 159 13.20 1.63 -25.55
N ARG B 160 13.05 1.11 -26.76
CA ARG B 160 12.41 1.88 -27.82
C ARG B 160 10.93 2.08 -27.51
N ALA B 161 10.31 1.08 -26.91
CA ALA B 161 8.89 1.15 -26.56
C ALA B 161 8.56 2.28 -25.57
N LEU B 162 9.56 2.71 -24.80
CA LEU B 162 9.35 3.78 -23.83
C LEU B 162 9.07 5.12 -24.50
N LYS B 163 9.60 5.31 -25.70
CA LYS B 163 9.45 6.56 -26.43
C LYS B 163 8.09 6.71 -27.10
N VAL B 164 7.05 6.90 -26.30
CA VAL B 164 5.70 7.05 -26.82
C VAL B 164 5.52 8.36 -27.57
N GLU B 165 6.41 9.32 -27.33
CA GLU B 165 6.32 10.63 -27.99
C GLU B 165 6.84 10.61 -29.42
N GLU B 166 7.40 9.48 -29.84
CA GLU B 166 7.93 9.37 -31.20
C GLU B 166 6.94 8.71 -32.14
N GLY B 167 5.66 8.87 -31.83
CA GLY B 167 4.63 8.29 -32.67
C GLY B 167 4.10 6.98 -32.11
N LEU B 168 2.81 6.93 -31.86
CA LEU B 168 2.18 5.74 -31.33
C LEU B 168 1.68 4.89 -32.50
N PRO B 169 2.01 3.58 -32.51
CA PRO B 169 1.57 2.71 -33.60
C PRO B 169 0.09 2.39 -33.44
N LYS B 170 -0.62 2.22 -34.55
CA LYS B 170 -2.04 1.89 -34.48
C LYS B 170 -2.22 0.47 -33.95
N ARG B 171 -1.30 -0.41 -34.30
CA ARG B 171 -1.37 -1.82 -33.88
C ARG B 171 -0.01 -2.29 -33.38
N LEU B 172 -0.01 -2.89 -32.19
CA LEU B 172 1.22 -3.40 -31.59
C LEU B 172 1.08 -4.86 -31.19
N LEU B 173 2.11 -5.65 -31.48
CA LEU B 173 2.12 -7.05 -31.09
C LEU B 173 3.20 -7.13 -30.01
N VAL B 174 2.84 -7.66 -28.85
CA VAL B 174 3.79 -7.81 -27.77
C VAL B 174 4.09 -9.30 -27.61
N ILE B 175 5.36 -9.66 -27.70
CA ILE B 175 5.74 -11.07 -27.54
C ILE B 175 6.36 -11.24 -26.17
N GLY B 176 5.65 -11.93 -25.29
CA GLY B 176 6.14 -12.16 -23.94
C GLY B 176 5.11 -11.78 -22.90
N GLY B 177 4.72 -12.75 -22.08
CA GLY B 177 3.72 -12.51 -21.05
C GLY B 177 4.31 -12.30 -19.66
N GLY B 178 5.50 -11.71 -19.61
CA GLY B 178 6.14 -11.42 -18.34
C GLY B 178 5.81 -9.99 -17.94
N ALA B 179 6.42 -9.52 -16.85
CA ALA B 179 6.16 -8.16 -16.37
C ALA B 179 6.39 -7.07 -17.41
N VAL B 180 7.50 -7.15 -18.14
CA VAL B 180 7.81 -6.14 -19.15
C VAL B 180 6.74 -6.05 -20.25
N GLY B 181 6.39 -7.20 -20.81
CA GLY B 181 5.38 -7.24 -21.86
C GLY B 181 4.01 -6.78 -21.40
N LEU B 182 3.59 -7.24 -20.22
CA LEU B 182 2.28 -6.87 -19.68
C LEU B 182 2.20 -5.37 -19.40
N GLU B 183 3.22 -4.82 -18.77
CA GLU B 183 3.25 -3.40 -18.44
C GLU B 183 3.22 -2.52 -19.68
N LEU B 184 4.17 -2.72 -20.59
CA LEU B 184 4.21 -1.90 -21.79
C LEU B 184 2.96 -2.13 -22.65
N GLY B 185 2.45 -3.36 -22.63
CA GLY B 185 1.27 -3.66 -23.39
C GLY B 185 0.09 -2.84 -22.90
N GLN B 186 -0.08 -2.77 -21.57
CA GLN B 186 -1.18 -1.98 -21.03
C GLN B 186 -1.01 -0.49 -21.27
N VAL B 187 0.24 -0.01 -21.23
CA VAL B 187 0.51 1.40 -21.48
C VAL B 187 0.04 1.75 -22.88
N TYR B 188 0.44 0.95 -23.86
CA TYR B 188 0.06 1.22 -25.24
C TYR B 188 -1.44 1.13 -25.47
N ARG B 189 -2.09 0.18 -24.82
CA ARG B 189 -3.53 0.04 -24.96
C ARG B 189 -4.23 1.28 -24.44
N ARG B 190 -3.87 1.70 -23.23
CA ARG B 190 -4.48 2.88 -22.62
C ARG B 190 -4.19 4.16 -23.37
N LEU B 191 -3.18 4.13 -24.23
CA LEU B 191 -2.84 5.30 -25.03
C LEU B 191 -3.55 5.24 -26.39
N GLY B 192 -4.38 4.23 -26.57
CA GLY B 192 -5.15 4.12 -27.81
C GLY B 192 -4.76 3.10 -28.85
N ALA B 193 -3.62 2.44 -28.68
CA ALA B 193 -3.20 1.45 -29.66
C ALA B 193 -3.93 0.12 -29.50
N GLU B 194 -4.02 -0.62 -30.60
CA GLU B 194 -4.63 -1.94 -30.60
C GLU B 194 -3.47 -2.82 -30.12
N VAL B 195 -3.72 -3.64 -29.10
CA VAL B 195 -2.65 -4.48 -28.59
C VAL B 195 -2.97 -5.97 -28.52
N THR B 196 -2.04 -6.77 -29.02
CA THR B 196 -2.16 -8.21 -28.99
C THR B 196 -0.91 -8.71 -28.27
N LEU B 197 -1.09 -9.56 -27.27
CA LEU B 197 0.04 -10.09 -26.52
C LEU B 197 0.04 -11.61 -26.56
N ILE B 198 1.18 -12.19 -26.90
CA ILE B 198 1.29 -13.64 -26.98
C ILE B 198 2.27 -14.20 -25.95
N GLU B 199 1.88 -15.32 -25.36
CA GLU B 199 2.72 -15.99 -24.36
C GLU B 199 2.79 -17.47 -24.71
N TYR B 200 4.02 -17.99 -24.75
CA TYR B 200 4.27 -19.39 -25.08
C TYR B 200 3.69 -20.38 -24.07
N MET B 201 3.70 -20.00 -22.79
CA MET B 201 3.19 -20.87 -21.75
C MET B 201 1.67 -20.81 -21.66
N PRO B 202 1.05 -21.75 -20.92
CA PRO B 202 -0.41 -21.81 -20.76
C PRO B 202 -1.03 -20.58 -20.12
N GLU B 203 -0.24 -19.88 -19.30
CA GLU B 203 -0.73 -18.69 -18.61
C GLU B 203 0.35 -17.63 -18.52
N ILE B 204 -0.05 -16.36 -18.42
CA ILE B 204 0.92 -15.28 -18.30
C ILE B 204 1.61 -15.45 -16.94
N LEU B 205 2.73 -14.77 -16.75
CA LEU B 205 3.49 -14.87 -15.50
C LEU B 205 3.59 -16.35 -15.12
N PRO B 206 4.11 -17.18 -16.05
CA PRO B 206 4.26 -18.62 -15.87
C PRO B 206 4.85 -19.15 -14.56
N GLN B 207 5.75 -18.38 -13.95
CA GLN B 207 6.36 -18.82 -12.69
C GLN B 207 5.56 -18.38 -11.47
N GLY B 208 4.52 -17.59 -11.70
CA GLY B 208 3.70 -17.13 -10.59
C GLY B 208 2.42 -17.91 -10.44
N ASP B 209 1.71 -17.67 -9.33
CA ASP B 209 0.44 -18.33 -9.06
C ASP B 209 -0.48 -18.18 -10.28
N PRO B 210 -0.92 -19.30 -10.85
CA PRO B 210 -1.80 -19.27 -12.03
C PRO B 210 -3.16 -18.61 -11.82
N GLU B 211 -3.74 -18.74 -10.63
CA GLU B 211 -5.06 -18.15 -10.37
C GLU B 211 -5.07 -16.64 -10.42
N THR B 212 -4.19 -16.01 -9.65
CA THR B 212 -4.12 -14.55 -9.63
C THR B 212 -3.61 -14.02 -10.97
N ALA B 213 -2.73 -14.77 -11.62
CA ALA B 213 -2.19 -14.37 -12.92
C ALA B 213 -3.33 -14.34 -13.93
N ALA B 214 -4.22 -15.33 -13.84
CA ALA B 214 -5.36 -15.41 -14.74
C ALA B 214 -6.28 -14.22 -14.55
N LEU B 215 -6.47 -13.80 -13.30
CA LEU B 215 -7.32 -12.64 -13.02
C LEU B 215 -6.74 -11.39 -13.66
N LEU B 216 -5.42 -11.27 -13.63
CA LEU B 216 -4.79 -10.11 -14.26
C LEU B 216 -5.03 -10.18 -15.76
N ARG B 217 -4.85 -11.35 -16.35
CA ARG B 217 -5.06 -11.51 -17.78
C ARG B 217 -6.48 -11.10 -18.15
N ARG B 218 -7.45 -11.54 -17.35
CA ARG B 218 -8.86 -11.22 -17.57
C ARG B 218 -9.09 -9.71 -17.54
N ALA B 219 -8.45 -9.03 -16.60
CA ALA B 219 -8.61 -7.58 -16.50
C ALA B 219 -8.05 -6.90 -17.74
N LEU B 220 -6.91 -7.38 -18.24
CA LEU B 220 -6.31 -6.80 -19.43
C LEU B 220 -7.18 -7.08 -20.66
N GLU B 221 -7.78 -8.25 -20.71
CA GLU B 221 -8.65 -8.61 -21.83
C GLU B 221 -9.89 -7.72 -21.84
N LYS B 222 -10.39 -7.39 -20.65
CA LYS B 222 -11.56 -6.53 -20.54
C LYS B 222 -11.27 -5.13 -21.08
N GLU B 223 -9.99 -4.75 -21.12
CA GLU B 223 -9.61 -3.45 -21.63
C GLU B 223 -9.33 -3.49 -23.14
N GLY B 224 -9.54 -4.66 -23.75
CA GLY B 224 -9.32 -4.76 -25.18
C GLY B 224 -8.04 -5.44 -25.63
N ILE B 225 -7.14 -5.72 -24.70
CA ILE B 225 -5.90 -6.39 -25.07
C ILE B 225 -6.19 -7.85 -25.39
N ARG B 226 -5.80 -8.28 -26.59
CA ARG B 226 -6.01 -9.66 -27.00
C ARG B 226 -4.82 -10.47 -26.51
N VAL B 227 -5.06 -11.33 -25.53
CA VAL B 227 -4.00 -12.16 -24.96
C VAL B 227 -4.11 -13.59 -25.47
N ARG B 228 -3.05 -14.07 -26.11
CA ARG B 228 -3.02 -15.42 -26.66
C ARG B 228 -1.94 -16.26 -25.97
N THR B 229 -2.37 -17.19 -25.12
CA THR B 229 -1.45 -18.07 -24.40
C THR B 229 -1.20 -19.33 -25.22
N LYS B 230 -0.22 -20.13 -24.80
CA LYS B 230 0.12 -21.36 -25.51
C LYS B 230 0.35 -21.03 -26.98
N THR B 231 0.86 -19.82 -27.23
CA THR B 231 1.10 -19.34 -28.58
C THR B 231 2.51 -18.80 -28.77
N LYS B 232 3.05 -18.98 -29.97
CA LYS B 232 4.38 -18.48 -30.28
C LYS B 232 4.38 -17.79 -31.63
N ALA B 233 5.31 -16.86 -31.82
CA ALA B 233 5.44 -16.13 -33.08
C ALA B 233 6.65 -16.72 -33.80
N VAL B 234 6.42 -17.25 -34.99
CA VAL B 234 7.49 -17.88 -35.78
C VAL B 234 8.32 -16.88 -36.58
N GLY B 235 7.66 -15.92 -37.20
CA GLY B 235 8.37 -14.92 -37.98
C GLY B 235 7.37 -13.96 -38.57
N TYR B 236 7.84 -13.06 -39.44
CA TYR B 236 6.95 -12.09 -40.05
C TYR B 236 7.41 -11.66 -41.44
N GLU B 237 6.53 -10.96 -42.13
CA GLU B 237 6.81 -10.46 -43.46
C GLU B 237 6.31 -9.02 -43.52
N LYS B 238 7.18 -8.12 -43.96
CA LYS B 238 6.82 -6.71 -44.03
C LYS B 238 6.12 -6.35 -45.33
N LYS B 239 4.90 -5.85 -45.23
CA LYS B 239 4.13 -5.43 -46.39
C LYS B 239 3.74 -3.97 -46.23
N LYS B 240 3.15 -3.39 -47.28
CA LYS B 240 2.74 -2.00 -47.24
C LYS B 240 1.68 -1.73 -46.18
N ASP B 241 0.82 -2.71 -45.93
CA ASP B 241 -0.24 -2.55 -44.94
C ASP B 241 0.16 -3.00 -43.53
N GLY B 242 1.45 -3.22 -43.32
CA GLY B 242 1.93 -3.64 -42.01
C GLY B 242 2.73 -4.92 -41.98
N LEU B 243 3.08 -5.35 -40.77
CA LEU B 243 3.85 -6.57 -40.57
C LEU B 243 2.93 -7.76 -40.42
N HIS B 244 3.05 -8.73 -41.32
CA HIS B 244 2.24 -9.93 -41.26
C HIS B 244 2.99 -10.98 -40.45
N VAL B 245 2.61 -11.12 -39.18
CA VAL B 245 3.27 -12.06 -38.28
C VAL B 245 2.58 -13.43 -38.24
N ARG B 246 3.38 -14.48 -38.35
CA ARG B 246 2.87 -15.84 -38.31
C ARG B 246 2.86 -16.38 -36.89
N LEU B 247 1.68 -16.75 -36.41
CA LEU B 247 1.53 -17.30 -35.08
C LEU B 247 1.22 -18.80 -35.17
N GLU B 248 1.71 -19.57 -34.22
CA GLU B 248 1.47 -21.01 -34.19
C GLU B 248 1.29 -21.48 -32.75
N PRO B 249 0.73 -22.68 -32.57
CA PRO B 249 0.54 -23.20 -31.22
C PRO B 249 1.92 -23.36 -30.58
N ALA B 250 1.97 -23.39 -29.25
CA ALA B 250 3.23 -23.52 -28.54
C ALA B 250 4.13 -24.62 -29.11
N GLU B 251 3.63 -25.85 -29.14
CA GLU B 251 4.40 -26.97 -29.65
C GLU B 251 4.42 -27.03 -31.18
N GLY B 252 3.93 -25.97 -31.82
CA GLY B 252 3.91 -25.93 -33.27
C GLY B 252 2.63 -26.50 -33.84
N GLY B 253 2.22 -25.98 -35.00
CA GLY B 253 1.01 -26.47 -35.63
C GLY B 253 0.48 -25.55 -36.72
N GLU B 254 -0.84 -25.53 -36.87
CA GLU B 254 -1.49 -24.69 -37.88
C GLU B 254 -1.13 -23.22 -37.70
N GLY B 255 -0.70 -22.60 -38.78
CA GLY B 255 -0.33 -21.20 -38.73
C GLY B 255 -1.53 -20.28 -38.68
N GLU B 256 -1.34 -19.10 -38.08
CA GLU B 256 -2.39 -18.11 -37.94
C GLU B 256 -1.75 -16.72 -38.02
N GLU B 257 -2.24 -15.90 -38.95
CA GLU B 257 -1.69 -14.56 -39.15
C GLU B 257 -2.35 -13.44 -38.34
N VAL B 258 -1.52 -12.47 -37.96
CA VAL B 258 -1.96 -11.28 -37.24
C VAL B 258 -1.15 -10.15 -37.85
N VAL B 259 -1.82 -9.06 -38.22
CA VAL B 259 -1.13 -7.93 -38.84
C VAL B 259 -1.04 -6.75 -37.89
N VAL B 260 0.18 -6.26 -37.68
CA VAL B 260 0.42 -5.12 -36.79
C VAL B 260 1.40 -4.15 -37.42
N ASP B 261 1.58 -3.00 -36.79
CA ASP B 261 2.49 -1.98 -37.31
C ASP B 261 3.88 -2.11 -36.70
N LYS B 262 3.92 -2.52 -35.44
CA LYS B 262 5.18 -2.68 -34.73
C LYS B 262 5.14 -3.91 -33.84
N VAL B 263 6.31 -4.46 -33.54
CA VAL B 263 6.40 -5.62 -32.67
C VAL B 263 7.33 -5.30 -31.50
N LEU B 264 6.88 -5.58 -30.29
CA LEU B 264 7.70 -5.37 -29.10
C LEU B 264 8.10 -6.77 -28.62
N VAL B 265 9.40 -7.03 -28.61
CA VAL B 265 9.91 -8.33 -28.16
C VAL B 265 10.35 -8.21 -26.70
N ALA B 266 9.63 -8.87 -25.82
CA ALA B 266 9.93 -8.85 -24.39
C ALA B 266 9.92 -10.29 -23.87
N VAL B 267 10.80 -11.11 -24.43
CA VAL B 267 10.87 -12.51 -24.05
C VAL B 267 11.94 -12.83 -23.00
N GLY B 268 12.66 -11.81 -22.56
CA GLY B 268 13.68 -12.06 -21.55
C GLY B 268 14.87 -11.13 -21.65
N ARG B 269 15.91 -11.48 -20.89
CA ARG B 269 17.13 -10.68 -20.84
C ARG B 269 18.34 -11.59 -21.02
N LYS B 270 19.44 -11.00 -21.46
CA LYS B 270 20.70 -11.72 -21.66
C LYS B 270 21.74 -11.03 -20.78
N PRO B 271 22.39 -11.78 -19.87
CA PRO B 271 23.40 -11.15 -19.00
C PRO B 271 24.58 -10.59 -19.80
N ARG B 272 25.02 -9.39 -19.44
CA ARG B 272 26.12 -8.73 -20.12
C ARG B 272 27.46 -9.22 -19.59
N THR B 273 27.84 -10.42 -19.98
CA THR B 273 29.07 -11.03 -19.51
C THR B 273 30.07 -11.39 -20.61
N GLU B 274 29.73 -11.10 -21.86
CA GLU B 274 30.66 -11.38 -22.96
C GLU B 274 31.48 -10.13 -23.23
N GLY B 275 32.74 -10.32 -23.60
CA GLY B 275 33.59 -9.18 -23.88
C GLY B 275 33.92 -8.39 -22.62
N LEU B 276 33.82 -9.05 -21.47
CA LEU B 276 34.09 -8.42 -20.18
C LEU B 276 35.45 -8.81 -19.63
N GLY B 277 36.13 -9.72 -20.32
CA GLY B 277 37.45 -10.16 -19.88
C GLY B 277 37.40 -11.25 -18.83
N LEU B 278 36.23 -11.86 -18.63
CA LEU B 278 36.12 -12.91 -17.63
C LEU B 278 37.03 -14.09 -17.94
N GLU B 279 37.24 -14.36 -19.23
CA GLU B 279 38.10 -15.47 -19.65
C GLU B 279 39.58 -15.17 -19.38
N LYS B 280 39.87 -13.93 -19.03
CA LYS B 280 41.25 -13.54 -18.71
C LYS B 280 41.47 -13.56 -17.19
N ALA B 281 40.37 -13.59 -16.44
CA ALA B 281 40.45 -13.57 -14.98
C ALA B 281 40.15 -14.92 -14.31
N GLY B 282 39.60 -15.86 -15.06
CA GLY B 282 39.30 -17.16 -14.47
C GLY B 282 37.90 -17.25 -13.87
N VAL B 283 37.07 -16.25 -14.13
CA VAL B 283 35.70 -16.23 -13.60
C VAL B 283 34.80 -17.16 -14.41
N LYS B 284 34.22 -18.17 -13.75
CA LYS B 284 33.35 -19.13 -14.41
C LYS B 284 31.98 -18.56 -14.72
N VAL B 285 31.46 -18.91 -15.90
CA VAL B 285 30.16 -18.47 -16.37
C VAL B 285 29.36 -19.70 -16.79
N ASP B 286 28.05 -19.72 -16.50
CA ASP B 286 27.26 -20.89 -16.89
C ASP B 286 26.79 -20.85 -18.34
N GLU B 287 26.15 -21.94 -18.79
CA GLU B 287 25.68 -22.03 -20.17
C GLU B 287 24.81 -20.86 -20.62
N ARG B 288 24.06 -20.28 -19.69
CA ARG B 288 23.17 -19.16 -19.99
C ARG B 288 23.87 -17.80 -20.03
N GLY B 289 25.12 -17.77 -19.59
CA GLY B 289 25.86 -16.51 -19.57
C GLY B 289 25.90 -15.84 -18.21
N PHE B 290 25.33 -16.48 -17.20
CA PHE B 290 25.35 -15.91 -15.86
C PHE B 290 26.64 -16.24 -15.14
N ILE B 291 27.18 -15.26 -14.41
CA ILE B 291 28.40 -15.50 -13.65
C ILE B 291 28.05 -16.37 -12.45
N ARG B 292 28.72 -17.52 -12.31
CA ARG B 292 28.44 -18.43 -11.21
C ARG B 292 28.86 -17.84 -9.86
N VAL B 293 27.93 -17.80 -8.91
CA VAL B 293 28.23 -17.27 -7.58
C VAL B 293 27.61 -18.13 -6.49
N ASN B 294 28.13 -18.00 -5.27
CA ASN B 294 27.56 -18.73 -4.14
C ASN B 294 26.72 -17.71 -3.36
N ALA B 295 26.28 -18.08 -2.15
CA ALA B 295 25.45 -17.19 -1.35
C ALA B 295 26.15 -15.92 -0.88
N ARG B 296 27.48 -15.93 -0.90
CA ARG B 296 28.26 -14.77 -0.48
C ARG B 296 28.47 -13.86 -1.69
N MET B 297 27.90 -14.28 -2.83
CA MET B 297 27.99 -13.58 -4.11
C MET B 297 29.39 -13.68 -4.69
N GLU B 298 30.19 -14.60 -4.15
CA GLU B 298 31.56 -14.75 -4.62
C GLU B 298 31.64 -15.70 -5.83
N THR B 299 32.47 -15.32 -6.80
CA THR B 299 32.66 -16.11 -8.01
C THR B 299 33.70 -17.18 -7.76
N SER B 300 34.11 -17.85 -8.83
CA SER B 300 35.12 -18.91 -8.75
C SER B 300 36.50 -18.32 -8.42
N VAL B 301 36.60 -16.99 -8.48
CA VAL B 301 37.86 -16.32 -8.20
C VAL B 301 37.79 -15.57 -6.87
N PRO B 302 38.63 -15.96 -5.89
CA PRO B 302 38.63 -15.30 -4.58
C PRO B 302 38.76 -13.78 -4.70
N GLY B 303 37.87 -13.05 -4.03
CA GLY B 303 37.94 -11.61 -4.07
C GLY B 303 37.13 -10.99 -5.20
N VAL B 304 36.61 -11.81 -6.10
CA VAL B 304 35.79 -11.31 -7.19
C VAL B 304 34.36 -11.77 -6.96
N TYR B 305 33.45 -10.80 -6.90
CA TYR B 305 32.04 -11.04 -6.68
C TYR B 305 31.22 -10.64 -7.90
N ALA B 306 30.01 -11.18 -8.01
CA ALA B 306 29.11 -10.83 -9.10
C ALA B 306 27.72 -10.68 -8.50
N ILE B 307 26.97 -9.69 -8.96
CA ILE B 307 25.64 -9.43 -8.41
C ILE B 307 24.64 -9.03 -9.49
N GLY B 308 23.38 -8.99 -9.09
CA GLY B 308 22.32 -8.58 -10.00
C GLY B 308 22.02 -9.48 -11.18
N ASP B 309 21.53 -8.85 -12.25
CA ASP B 309 21.16 -9.57 -13.48
C ASP B 309 22.33 -10.35 -14.09
N ALA B 310 23.55 -9.87 -13.89
CA ALA B 310 24.71 -10.55 -14.46
C ALA B 310 25.06 -11.83 -13.71
N ALA B 311 24.58 -11.94 -12.47
CA ALA B 311 24.87 -13.10 -11.63
C ALA B 311 23.86 -14.23 -11.70
N ARG B 312 22.57 -13.89 -11.69
CA ARG B 312 21.54 -14.92 -11.71
C ARG B 312 20.13 -14.35 -11.67
N PRO B 313 19.14 -15.13 -12.13
CA PRO B 313 17.75 -14.70 -12.11
C PRO B 313 17.30 -14.92 -10.66
N PRO B 314 16.15 -14.36 -10.25
CA PRO B 314 15.24 -13.53 -11.05
C PRO B 314 15.90 -12.19 -11.34
N LEU B 315 15.56 -11.59 -12.47
CA LEU B 315 16.15 -10.32 -12.86
C LEU B 315 15.33 -9.16 -12.30
N LEU B 316 15.53 -8.89 -11.02
CA LEU B 316 14.80 -7.84 -10.30
C LEU B 316 15.72 -6.83 -9.63
N ALA B 317 15.26 -5.59 -9.53
CA ALA B 317 16.05 -4.51 -8.94
C ALA B 317 16.34 -4.65 -7.45
N HIS B 318 15.32 -4.90 -6.65
CA HIS B 318 15.54 -5.04 -5.21
C HIS B 318 16.49 -6.18 -4.89
N LYS B 319 16.45 -7.23 -5.72
CA LYS B 319 17.35 -8.36 -5.54
C LYS B 319 18.78 -7.89 -5.79
N ALA B 320 18.98 -7.19 -6.91
CA ALA B 320 20.30 -6.68 -7.26
C ALA B 320 20.83 -5.76 -6.16
N MET B 321 19.96 -4.90 -5.64
CA MET B 321 20.34 -3.99 -4.57
C MET B 321 20.87 -4.73 -3.35
N ARG B 322 20.13 -5.75 -2.91
CA ARG B 322 20.54 -6.53 -1.75
C ARG B 322 21.83 -7.29 -2.02
N GLU B 323 21.98 -7.85 -3.22
CA GLU B 323 23.19 -8.59 -3.55
C GLU B 323 24.39 -7.65 -3.52
N GLY B 324 24.18 -6.40 -3.91
CA GLY B 324 25.27 -5.44 -3.87
C GLY B 324 25.71 -5.18 -2.44
N LEU B 325 24.76 -5.09 -1.52
CA LEU B 325 25.11 -4.86 -0.13
C LEU B 325 25.90 -6.05 0.40
N ILE B 326 25.44 -7.26 0.08
CA ILE B 326 26.11 -8.48 0.52
C ILE B 326 27.55 -8.53 -0.01
N ALA B 327 27.73 -8.30 -1.30
CA ALA B 327 29.07 -8.34 -1.89
C ALA B 327 29.97 -7.28 -1.26
N ALA B 328 29.42 -6.09 -1.03
CA ALA B 328 30.20 -5.02 -0.44
C ALA B 328 30.65 -5.38 0.97
N GLU B 329 29.74 -5.92 1.77
CA GLU B 329 30.06 -6.30 3.13
C GLU B 329 31.14 -7.37 3.16
N ASN B 330 31.05 -8.34 2.25
CA ASN B 330 32.05 -9.39 2.20
C ASN B 330 33.40 -8.86 1.72
N ALA B 331 33.37 -7.90 0.81
CA ALA B 331 34.61 -7.30 0.31
C ALA B 331 35.27 -6.53 1.46
N ALA B 332 34.45 -6.07 2.40
CA ALA B 332 34.93 -5.31 3.55
C ALA B 332 35.39 -6.22 4.69
N GLY B 333 35.29 -7.53 4.49
CA GLY B 333 35.72 -8.46 5.51
C GLY B 333 34.65 -9.07 6.39
N LYS B 334 33.39 -8.67 6.18
CA LYS B 334 32.30 -9.21 6.98
C LYS B 334 31.90 -10.61 6.52
N ASP B 335 30.89 -11.16 7.18
CA ASP B 335 30.40 -12.49 6.84
C ASP B 335 28.92 -12.38 6.51
N SER B 336 28.61 -11.97 5.29
CA SER B 336 27.23 -11.83 4.86
C SER B 336 26.86 -12.85 3.80
N ALA B 337 25.56 -13.13 3.67
CA ALA B 337 25.10 -14.10 2.70
C ALA B 337 23.67 -13.80 2.29
N PHE B 338 23.34 -14.12 1.04
CA PHE B 338 21.99 -13.89 0.55
C PHE B 338 21.12 -15.10 0.80
N ASP B 339 20.10 -14.92 1.65
CA ASP B 339 19.16 -15.98 1.97
C ASP B 339 17.90 -15.24 2.37
N TYR B 340 17.21 -14.69 1.36
CA TYR B 340 16.01 -13.91 1.60
C TYR B 340 14.87 -14.25 0.65
N GLN B 341 13.66 -13.92 1.08
CA GLN B 341 12.47 -14.13 0.28
C GLN B 341 12.40 -12.94 -0.67
N VAL B 342 12.38 -13.21 -1.96
CA VAL B 342 12.33 -12.13 -2.95
C VAL B 342 10.97 -11.99 -3.58
N PRO B 343 10.28 -10.85 -3.34
CA PRO B 343 8.96 -10.66 -3.92
C PRO B 343 9.09 -10.21 -5.38
N SER B 344 8.00 -10.31 -6.14
CA SER B 344 7.99 -9.88 -7.54
C SER B 344 6.69 -9.11 -7.75
N VAL B 345 6.76 -8.04 -8.53
CA VAL B 345 5.61 -7.20 -8.77
C VAL B 345 5.45 -6.81 -10.24
N VAL B 346 4.20 -6.74 -10.69
CA VAL B 346 3.87 -6.31 -12.06
C VAL B 346 3.04 -5.05 -11.79
N TYR B 347 3.48 -3.92 -12.34
CA TYR B 347 2.83 -2.64 -12.08
C TYR B 347 1.66 -2.22 -12.96
N THR B 348 1.03 -3.21 -13.57
CA THR B 348 -0.15 -2.98 -14.38
C THR B 348 -1.25 -2.58 -13.41
N SER B 349 -2.43 -2.27 -13.95
CA SER B 349 -3.60 -1.94 -13.14
C SER B 349 -4.70 -2.91 -13.55
N PRO B 350 -5.10 -3.83 -12.65
CA PRO B 350 -4.59 -4.03 -11.29
C PRO B 350 -3.16 -4.54 -11.27
N GLU B 351 -2.49 -4.37 -10.15
CA GLU B 351 -1.12 -4.85 -10.01
C GLU B 351 -1.16 -6.31 -9.62
N TRP B 352 -0.02 -6.99 -9.76
CA TRP B 352 0.10 -8.38 -9.39
C TRP B 352 1.37 -8.45 -8.55
N ALA B 353 1.34 -9.21 -7.46
CA ALA B 353 2.53 -9.35 -6.62
C ALA B 353 2.54 -10.72 -6.01
N GLY B 354 3.74 -11.24 -5.78
CA GLY B 354 3.86 -12.55 -5.19
C GLY B 354 5.17 -12.72 -4.45
N VAL B 355 5.15 -13.58 -3.45
CA VAL B 355 6.35 -13.88 -2.67
C VAL B 355 6.15 -15.25 -2.03
N GLY B 356 7.23 -16.01 -1.92
CA GLY B 356 7.09 -17.32 -1.32
C GLY B 356 6.75 -18.39 -2.34
N LEU B 357 6.18 -19.48 -1.85
CA LEU B 357 5.84 -20.62 -2.70
C LEU B 357 4.43 -20.67 -3.27
N THR B 358 4.33 -21.10 -4.52
CA THR B 358 3.03 -21.26 -5.17
C THR B 358 2.46 -22.55 -4.59
N GLU B 359 1.21 -22.85 -4.87
CA GLU B 359 0.61 -24.08 -4.37
C GLU B 359 1.42 -25.29 -4.83
N GLU B 360 1.72 -25.32 -6.12
CA GLU B 360 2.48 -26.43 -6.70
C GLU B 360 3.88 -26.57 -6.12
N GLU B 361 4.56 -25.46 -5.88
CA GLU B 361 5.90 -25.52 -5.32
C GLU B 361 5.86 -25.99 -3.87
N ALA B 362 4.84 -25.55 -3.14
CA ALA B 362 4.70 -25.94 -1.74
C ALA B 362 4.44 -27.44 -1.65
N LYS B 363 3.60 -27.94 -2.54
CA LYS B 363 3.27 -29.37 -2.59
C LYS B 363 4.52 -30.16 -2.92
N ARG B 364 5.25 -29.69 -3.94
CA ARG B 364 6.48 -30.35 -4.37
C ARG B 364 7.48 -30.39 -3.22
N ALA B 365 7.42 -29.39 -2.36
CA ALA B 365 8.33 -29.29 -1.21
C ALA B 365 7.95 -30.23 -0.07
N GLY B 366 6.76 -30.83 -0.15
CA GLY B 366 6.35 -31.75 0.89
C GLY B 366 5.36 -31.22 1.92
N TYR B 367 4.92 -29.98 1.77
CA TYR B 367 3.97 -29.41 2.71
C TYR B 367 2.55 -29.89 2.45
N LYS B 368 1.72 -29.84 3.48
CA LYS B 368 0.31 -30.22 3.38
C LYS B 368 -0.37 -28.89 3.03
N VAL B 369 -0.40 -28.59 1.75
CA VAL B 369 -0.95 -27.34 1.25
C VAL B 369 -2.43 -27.06 1.49
N LYS B 370 -2.70 -25.83 1.89
CA LYS B 370 -4.06 -25.36 2.15
C LYS B 370 -4.03 -23.88 1.76
N VAL B 371 -5.13 -23.36 1.24
CA VAL B 371 -5.16 -21.97 0.84
C VAL B 371 -6.33 -21.19 1.40
N GLY B 372 -6.15 -19.86 1.43
CA GLY B 372 -7.19 -18.96 1.90
C GLY B 372 -7.32 -17.87 0.85
N LYS B 373 -8.55 -17.52 0.50
CA LYS B 373 -8.76 -16.49 -0.51
C LYS B 373 -9.72 -15.40 -0.04
N PHE B 374 -9.49 -14.18 -0.49
CA PHE B 374 -10.37 -13.07 -0.17
C PHE B 374 -10.49 -12.22 -1.43
N PRO B 375 -11.70 -12.10 -1.98
CA PRO B 375 -11.96 -11.31 -3.19
C PRO B 375 -12.12 -9.83 -2.86
N LEU B 376 -11.57 -8.97 -3.70
CA LEU B 376 -11.68 -7.53 -3.45
C LEU B 376 -13.13 -7.08 -3.63
N ALA B 377 -13.95 -7.95 -4.21
CA ALA B 377 -15.35 -7.62 -4.40
C ALA B 377 -15.99 -7.46 -3.03
N ALA B 378 -15.36 -8.04 -2.00
CA ALA B 378 -15.86 -7.94 -0.63
C ALA B 378 -15.12 -6.89 0.19
N SER B 379 -14.28 -6.10 -0.48
CA SER B 379 -13.52 -5.05 0.19
C SER B 379 -14.21 -3.69 0.14
N GLY B 380 -14.50 -3.13 1.31
CA GLY B 380 -15.14 -1.84 1.34
C GLY B 380 -14.22 -0.78 0.77
N ARG B 381 -12.94 -0.86 1.11
CA ARG B 381 -11.98 0.11 0.59
C ARG B 381 -11.93 0.10 -0.93
N ALA B 382 -11.88 -1.11 -1.51
CA ALA B 382 -11.83 -1.21 -2.97
C ALA B 382 -13.02 -0.49 -3.60
N LEU B 383 -14.18 -0.56 -2.96
CA LEU B 383 -15.37 0.08 -3.51
C LEU B 383 -15.25 1.62 -3.43
N THR B 384 -14.68 2.12 -2.33
CA THR B 384 -14.53 3.57 -2.17
C THR B 384 -13.50 4.13 -3.15
N LEU B 385 -12.72 3.25 -3.76
CA LEU B 385 -11.71 3.64 -4.73
C LEU B 385 -12.26 3.55 -6.16
N GLY B 386 -13.56 3.34 -6.26
CA GLY B 386 -14.19 3.27 -7.58
C GLY B 386 -14.32 1.91 -8.23
N GLY B 387 -14.11 0.84 -7.49
CA GLY B 387 -14.24 -0.47 -8.09
C GLY B 387 -13.26 -1.49 -7.53
N ALA B 388 -13.77 -2.66 -7.21
CA ALA B 388 -12.96 -3.73 -6.63
C ALA B 388 -12.67 -4.86 -7.62
N GLU B 389 -11.45 -4.88 -8.14
CA GLU B 389 -11.04 -5.92 -9.07
C GLU B 389 -9.77 -6.60 -8.57
N GLY B 390 -9.90 -7.83 -8.10
CA GLY B 390 -8.74 -8.55 -7.60
C GLY B 390 -8.99 -9.53 -6.47
N MET B 391 -7.92 -10.06 -5.91
CA MET B 391 -8.04 -11.01 -4.82
C MET B 391 -6.69 -11.24 -4.16
N VAL B 392 -6.74 -11.80 -2.95
CA VAL B 392 -5.55 -12.15 -2.21
C VAL B 392 -5.63 -13.64 -1.94
N LYS B 393 -4.52 -14.34 -2.18
CA LYS B 393 -4.46 -15.78 -1.91
C LYS B 393 -3.27 -16.04 -1.00
N VAL B 394 -3.52 -16.74 0.09
CA VAL B 394 -2.44 -17.11 0.99
C VAL B 394 -2.27 -18.63 0.92
N VAL B 395 -1.02 -19.07 0.84
CA VAL B 395 -0.68 -20.48 0.76
C VAL B 395 -0.01 -20.87 2.07
N GLY B 396 -0.50 -21.93 2.70
CA GLY B 396 0.10 -22.35 3.96
C GLY B 396 0.03 -23.85 4.21
N ASP B 397 0.68 -24.29 5.28
CA ASP B 397 0.68 -25.69 5.66
C ASP B 397 -0.42 -25.87 6.70
N GLU B 398 -1.38 -26.73 6.41
CA GLU B 398 -2.49 -26.94 7.34
C GLU B 398 -2.11 -27.63 8.64
N GLU B 399 -1.01 -28.39 8.63
CA GLU B 399 -0.58 -29.08 9.83
C GLU B 399 0.17 -28.20 10.81
N THR B 400 1.09 -27.37 10.30
CA THR B 400 1.88 -26.50 11.15
C THR B 400 1.38 -25.05 11.17
N ASP B 401 0.50 -24.72 10.23
CA ASP B 401 -0.06 -23.37 10.12
C ASP B 401 0.96 -22.37 9.59
N LEU B 402 2.10 -22.86 9.11
CA LEU B 402 3.14 -21.98 8.59
C LEU B 402 2.74 -21.31 7.27
N LEU B 403 3.00 -20.01 7.17
CA LEU B 403 2.69 -19.27 5.95
C LEU B 403 3.76 -19.65 4.94
N LEU B 404 3.35 -20.03 3.73
CA LEU B 404 4.30 -20.44 2.70
C LEU B 404 4.45 -19.47 1.54
N GLY B 405 3.35 -18.81 1.16
CA GLY B 405 3.41 -17.88 0.06
C GLY B 405 2.17 -17.00 0.01
N VAL B 406 2.29 -15.86 -0.66
CA VAL B 406 1.18 -14.94 -0.78
C VAL B 406 1.16 -14.38 -2.19
N PHE B 407 -0.03 -14.33 -2.79
CA PHE B 407 -0.18 -13.80 -4.15
C PHE B 407 -1.34 -12.84 -4.15
N ILE B 408 -1.10 -11.68 -4.74
CA ILE B 408 -2.10 -10.62 -4.76
C ILE B 408 -2.31 -10.01 -6.14
N VAL B 409 -3.56 -9.75 -6.46
CA VAL B 409 -3.88 -9.08 -7.72
C VAL B 409 -4.91 -8.02 -7.35
N GLY B 410 -4.58 -6.77 -7.68
CA GLY B 410 -5.48 -5.67 -7.37
C GLY B 410 -4.69 -4.39 -7.19
N PRO B 411 -5.36 -3.27 -6.89
CA PRO B 411 -4.60 -2.03 -6.71
C PRO B 411 -3.64 -2.13 -5.53
N GLN B 412 -2.48 -1.50 -5.65
CA GLN B 412 -1.47 -1.48 -4.60
C GLN B 412 -0.91 -2.84 -4.19
N ALA B 413 -1.08 -3.84 -5.04
CA ALA B 413 -0.57 -5.18 -4.70
C ALA B 413 0.91 -5.13 -4.34
N GLY B 414 1.66 -4.32 -5.08
CA GLY B 414 3.09 -4.20 -4.85
C GLY B 414 3.46 -3.63 -3.49
N GLU B 415 2.59 -2.81 -2.92
CA GLU B 415 2.88 -2.23 -1.61
C GLU B 415 2.51 -3.22 -0.52
N LEU B 416 1.44 -3.97 -0.74
CA LEU B 416 0.97 -4.95 0.24
C LEU B 416 1.86 -6.19 0.37
N ILE B 417 2.59 -6.52 -0.68
CA ILE B 417 3.42 -7.72 -0.66
C ILE B 417 4.60 -7.64 0.33
N ALA B 418 5.01 -6.42 0.70
CA ALA B 418 6.10 -6.28 1.66
C ALA B 418 5.70 -6.86 3.01
N GLU B 419 4.43 -6.73 3.37
CA GLU B 419 3.95 -7.28 4.64
C GLU B 419 4.12 -8.79 4.59
N ALA B 420 3.78 -9.38 3.44
CA ALA B 420 3.90 -10.82 3.26
C ALA B 420 5.36 -11.25 3.34
N ALA B 421 6.25 -10.48 2.73
CA ALA B 421 7.68 -10.78 2.75
C ALA B 421 8.19 -10.78 4.18
N LEU B 422 7.81 -9.76 4.95
CA LEU B 422 8.25 -9.68 6.32
C LEU B 422 7.71 -10.88 7.10
N ALA B 423 6.45 -11.23 6.84
CA ALA B 423 5.83 -12.37 7.53
C ALA B 423 6.67 -13.63 7.31
N LEU B 424 7.03 -13.88 6.06
CA LEU B 424 7.84 -15.06 5.76
C LEU B 424 9.21 -14.99 6.44
N GLU B 425 9.83 -13.82 6.44
CA GLU B 425 11.15 -13.68 7.08
C GLU B 425 11.07 -13.90 8.58
N MET B 426 9.91 -13.63 9.17
CA MET B 426 9.72 -13.81 10.61
C MET B 426 9.17 -15.17 10.97
N GLY B 427 8.95 -16.03 9.97
CA GLY B 427 8.42 -17.35 10.24
C GLY B 427 6.98 -17.32 10.73
N ALA B 428 6.22 -16.35 10.22
CA ALA B 428 4.83 -16.18 10.61
C ALA B 428 3.92 -17.34 10.22
N THR B 429 2.89 -17.56 11.02
CA THR B 429 1.89 -18.58 10.74
C THR B 429 0.69 -17.82 10.21
N LEU B 430 -0.31 -18.54 9.71
CA LEU B 430 -1.51 -17.90 9.20
C LEU B 430 -2.21 -17.20 10.37
N THR B 431 -2.06 -17.78 11.56
CA THR B 431 -2.66 -17.19 12.75
C THR B 431 -1.99 -15.85 13.06
N ASP B 432 -0.68 -15.78 12.87
CA ASP B 432 0.05 -14.52 13.11
C ASP B 432 -0.46 -13.44 12.17
N LEU B 433 -0.71 -13.82 10.93
CA LEU B 433 -1.19 -12.87 9.93
C LEU B 433 -2.61 -12.40 10.27
N ALA B 434 -3.46 -13.34 10.68
CA ALA B 434 -4.84 -13.01 11.02
C ALA B 434 -4.95 -12.18 12.30
N LEU B 435 -4.06 -12.44 13.26
CA LEU B 435 -4.07 -11.74 14.54
C LEU B 435 -3.61 -10.29 14.48
N THR B 436 -2.89 -9.93 13.43
CA THR B 436 -2.44 -8.55 13.31
C THR B 436 -3.66 -7.70 12.97
N VAL B 437 -3.88 -6.63 13.73
CA VAL B 437 -5.02 -5.76 13.49
C VAL B 437 -4.72 -4.79 12.35
N HIS B 438 -5.24 -5.10 11.17
CA HIS B 438 -5.02 -4.24 10.00
C HIS B 438 -6.03 -3.09 10.07
N PRO B 439 -5.64 -1.90 9.63
CA PRO B 439 -6.58 -0.77 9.68
C PRO B 439 -7.77 -0.95 8.74
N HIS B 440 -8.94 -0.46 9.15
CA HIS B 440 -10.14 -0.54 8.34
C HIS B 440 -10.63 0.87 8.07
N PRO B 441 -10.97 1.19 6.81
CA PRO B 441 -10.93 0.32 5.64
C PRO B 441 -9.65 0.51 4.82
N THR B 442 -8.98 -0.59 4.50
CA THR B 442 -7.77 -0.53 3.68
C THR B 442 -7.72 -1.77 2.81
N LEU B 443 -6.94 -1.72 1.75
CA LEU B 443 -6.79 -2.88 0.90
C LEU B 443 -5.96 -3.92 1.64
N SER B 444 -5.07 -3.45 2.53
CA SER B 444 -4.22 -4.36 3.30
C SER B 444 -5.03 -5.38 4.11
N GLU B 445 -6.23 -5.00 4.50
CA GLU B 445 -7.12 -5.88 5.26
C GLU B 445 -7.33 -7.22 4.59
N SER B 446 -7.27 -7.23 3.25
CA SER B 446 -7.47 -8.45 2.50
C SER B 446 -6.51 -9.57 2.90
N LEU B 447 -5.31 -9.22 3.33
CA LEU B 447 -4.35 -10.24 3.75
C LEU B 447 -4.83 -10.88 5.04
N MET B 448 -5.29 -10.05 5.96
CA MET B 448 -5.79 -10.52 7.25
C MET B 448 -7.01 -11.41 7.01
N GLU B 449 -7.92 -10.97 6.14
CA GLU B 449 -9.12 -11.74 5.87
C GLU B 449 -8.84 -13.04 5.10
N ALA B 450 -7.83 -13.03 4.25
CA ALA B 450 -7.48 -14.23 3.51
C ALA B 450 -6.96 -15.27 4.51
N ALA B 451 -6.26 -14.80 5.55
CA ALA B 451 -5.74 -15.70 6.57
C ALA B 451 -6.92 -16.27 7.36
N GLU B 452 -7.94 -15.44 7.61
CA GLU B 452 -9.12 -15.90 8.32
C GLU B 452 -9.84 -16.95 7.47
N ALA B 453 -9.86 -16.73 6.15
CA ALA B 453 -10.51 -17.65 5.23
C ALA B 453 -9.78 -18.99 5.22
N PHE B 454 -8.47 -18.94 5.40
CA PHE B 454 -7.64 -20.14 5.44
C PHE B 454 -8.11 -21.00 6.62
N HIS B 455 -8.51 -20.35 7.70
CA HIS B 455 -9.00 -21.03 8.90
C HIS B 455 -10.53 -21.20 8.87
N LYS B 456 -11.12 -20.93 7.72
CA LYS B 456 -12.57 -21.06 7.51
C LYS B 456 -13.43 -20.16 8.40
N GLN B 457 -12.91 -19.01 8.81
CA GLN B 457 -13.69 -18.12 9.65
C GLN B 457 -13.64 -16.65 9.23
N ALA B 458 -13.54 -16.42 7.93
CA ALA B 458 -13.52 -15.05 7.41
C ALA B 458 -14.88 -14.45 7.74
N ILE B 459 -14.92 -13.15 8.01
CA ILE B 459 -16.17 -12.49 8.36
C ILE B 459 -16.95 -11.90 7.19
N HIS B 460 -16.26 -11.21 6.28
CA HIS B 460 -16.89 -10.55 5.14
C HIS B 460 -17.26 -11.41 3.93
N ILE B 461 -17.08 -12.71 4.07
CA ILE B 461 -17.46 -13.64 3.01
C ILE B 461 -17.90 -14.93 3.69
N LEU B 462 -18.81 -15.65 3.05
CA LEU B 462 -19.28 -16.91 3.61
C LEU B 462 -18.16 -17.93 3.44
N ASN B 463 -17.96 -18.77 4.44
CA ASN B 463 -16.91 -19.78 4.41
C ASN B 463 -17.46 -21.13 3.98
PA FAD C . -21.18 1.89 15.52
O1A FAD C . -20.69 1.66 14.15
O2A FAD C . -21.56 3.13 15.92
O5B FAD C . -22.45 1.04 15.49
C5B FAD C . -23.33 0.88 16.65
C4B FAD C . -24.71 0.43 16.08
O4B FAD C . -25.60 0.22 17.23
C3B FAD C . -25.43 1.41 15.16
O3B FAD C . -25.79 0.90 13.92
C2B FAD C . -26.55 1.96 16.03
O2B FAD C . -27.67 2.40 15.31
C1B FAD C . -26.91 0.76 16.86
N9A FAD C . -27.50 0.97 18.17
C8A FAD C . -27.09 1.84 19.15
N7A FAD C . -27.83 1.78 20.25
C5A FAD C . -28.78 0.82 19.98
C6A FAD C . -29.88 0.27 20.79
N6A FAD C . -30.16 0.65 22.00
N1A FAD C . -30.63 -0.70 20.16
C2A FAD C . -30.37 -1.15 18.89
N3A FAD C . -29.38 -0.70 18.09
C4A FAD C . -28.61 0.28 18.67
N1 FAD C . -12.75 4.55 12.00
C2 FAD C . -11.77 3.95 11.36
O2 FAD C . -11.21 2.99 11.81
N3 FAD C . -11.30 4.40 10.09
C4 FAD C . -11.87 5.50 9.46
O4 FAD C . -11.44 5.86 8.38
C4X FAD C . -12.95 6.18 10.15
N5 FAD C . -13.55 7.27 9.60
C5X FAD C . -14.58 7.87 10.30
C6 FAD C . -15.21 9.02 9.72
C7 FAD C . -16.24 9.67 10.34
C7M FAD C . -16.88 10.89 9.69
C8 FAD C . -16.74 9.19 11.65
C8M FAD C . -17.87 9.86 12.40
C9 FAD C . -16.13 8.06 12.24
C9A FAD C . -15.07 7.41 11.59
N10 FAD C . -14.39 6.24 12.14
C10 FAD C . -13.38 5.65 11.46
C1' FAD C . -14.84 5.69 13.45
C2' FAD C . -15.66 4.37 13.19
O2' FAD C . -16.79 4.72 12.38
C3' FAD C . -16.11 3.78 14.54
O3' FAD C . -14.96 3.47 15.30
C4' FAD C . -16.91 2.49 14.34
O4' FAD C . -18.10 2.71 13.54
C5' FAD C . -17.28 1.96 15.71
O5' FAD C . -18.09 0.62 15.50
P FAD C . -19.08 0.19 16.57
O1P FAD C . -19.52 -1.20 16.07
O2P FAD C . -18.55 0.23 17.86
O3P FAD C . -20.21 1.17 16.60
PA FAD D . 21.76 -2.86 -14.54
O1A FAD D . 20.83 -1.89 -13.93
O2A FAD D . 21.58 -3.28 -15.82
O5B FAD D . 23.03 -2.01 -14.53
C5B FAD D . 24.33 -2.50 -15.00
C4B FAD D . 25.17 -1.24 -15.35
O4B FAD D . 26.48 -1.73 -15.79
C3B FAD D . 24.64 -0.36 -16.49
O3B FAD D . 24.47 0.99 -16.16
C2B FAD D . 25.59 -0.68 -17.64
O2B FAD D . 25.73 0.38 -18.57
C1B FAD D . 26.88 -0.88 -16.92
N9A FAD D . 27.90 -1.73 -17.55
C8A FAD D . 27.71 -2.95 -18.15
N7A FAD D . 28.86 -3.47 -18.61
C5A FAD D . 29.82 -2.56 -18.28
C6A FAD D . 31.28 -2.55 -18.49
N6A FAD D . 31.95 -3.50 -19.09
N1A FAD D . 31.93 -1.42 -18.01
C2A FAD D . 31.27 -0.40 -17.38
N3A FAD D . 29.95 -0.33 -17.14
C4A FAD D . 29.26 -1.44 -17.61
N1 FAD D . 12.89 -4.73 -11.83
C2 FAD D . 12.18 -4.55 -10.71
O2 FAD D . 12.53 -5.00 -9.67
N3 FAD D . 10.95 -3.81 -10.73
C4 FAD D . 10.45 -3.25 -11.89
O4 FAD D . 9.41 -2.63 -11.85
C4X FAD D . 11.22 -3.44 -13.12
N5 FAD D . 10.78 -2.92 -14.29
C5X FAD D . 11.55 -3.13 -15.42
C6 FAD D . 11.07 -2.59 -16.65
C7 FAD D . 11.78 -2.76 -17.83
C7M FAD D . 11.25 -2.17 -19.12
C8 FAD D . 13.05 -3.50 -17.82
C8M FAD D . 13.87 -3.72 -19.07
C9 FAD D . 13.52 -4.04 -16.61
C9A FAD D . 12.79 -3.87 -15.41
N10 FAD D . 13.22 -4.40 -14.15
C10 FAD D . 12.47 -4.21 -13.03
C1' FAD D . 14.50 -5.17 -14.06
C2' FAD D . 15.58 -4.26 -13.39
O2' FAD D . 15.73 -3.09 -14.20
C3' FAD D . 16.89 -5.02 -13.27
O3' FAD D . 16.70 -6.18 -12.46
C4' FAD D . 17.97 -4.16 -12.60
O4' FAD D . 18.25 -2.95 -13.35
C5' FAD D . 19.23 -4.99 -12.50
O5' FAD D . 20.36 -4.11 -11.80
P FAD D . 21.80 -4.40 -12.10
O1P FAD D . 22.54 -3.46 -11.13
O2P FAD D . 22.14 -5.76 -12.00
O3P FAD D . 22.06 -4.08 -13.54
#